data_6EYT
#
_entry.id   6EYT
#
_cell.length_a   73.970
_cell.length_b   85.940
_cell.length_c   96.030
_cell.angle_alpha   90.00
_cell.angle_beta   90.00
_cell.angle_gamma   90.00
#
_symmetry.space_group_name_H-M   'P 21 21 21'
#
loop_
_entity.id
_entity.type
_entity.pdbx_description
1 polymer 'Type III secretion system effector protein'
2 non-polymer 'IODIDE ION'
3 non-polymer 'MANGANESE (II) ION'
4 non-polymer "URIDINE-5'-DIPHOSPHATE"
5 non-polymer 2-acetamido-2-deoxy-alpha-D-glucopyranose
6 water water
#
_entity_poly.entity_id   1
_entity_poly.type   'polypeptide(L)'
_entity_poly.pdbx_seq_one_letter_code
;GPLGSYSHTATPAITLPSSGSANFAGVEYPLLPLDQHTPLLFQWFERNPSRFGENQIPIINTQQNPYLNNIINAAIIEKE
RTIGVLVDGNFSAGQKKALAKLEKQYENIKVIYNSDLDYSMYDKKLSDIYLENIAKIEAQPANVRDEYLLGEIKKSLNEV
LKNNPEESLVSSHDKRLGHVRFDFYRNLFLLKGSNAFLEAGKHGCHHLQPGGGCIYLDADMLLTGKLGTLYLPDGIAVHV
SRKGNSMSLENGIIAVNRSEHPALKKGLEIMHSKPYGDPYIDGVCGGLRHYFNCSIRHNYEEFCNFIEFKHEHIFMDTSS
LTISSWR
;
_entity_poly.pdbx_strand_id   A,B
#
loop_
_chem_comp.id
_chem_comp.type
_chem_comp.name
_chem_comp.formula
IOD non-polymer 'IODIDE ION' 'I -1'
MN non-polymer 'MANGANESE (II) ION' 'Mn 2'
NDG D-saccharide, alpha linking 2-acetamido-2-deoxy-alpha-D-glucopyranose 'C8 H15 N O6'
UDP RNA linking URIDINE-5'-DIPHOSPHATE 'C9 H14 N2 O12 P2'
#
# COMPACT_ATOMS: atom_id res chain seq x y z
N SER A 19 32.53 -3.08 -24.76
CA SER A 19 32.50 -2.62 -23.38
C SER A 19 33.33 -3.57 -22.53
N GLY A 20 33.39 -4.83 -22.95
CA GLY A 20 34.14 -5.83 -22.23
C GLY A 20 33.27 -6.63 -21.28
N SER A 21 33.94 -7.51 -20.55
CA SER A 21 33.24 -8.41 -19.64
C SER A 21 34.24 -8.92 -18.62
N ALA A 22 33.71 -9.51 -17.55
CA ALA A 22 34.50 -10.09 -16.48
C ALA A 22 33.90 -11.44 -16.12
N ASN A 23 34.74 -12.36 -15.71
CA ASN A 23 34.32 -13.73 -15.48
C ASN A 23 34.31 -14.04 -13.98
N PHE A 24 33.28 -14.75 -13.55
CA PHE A 24 33.30 -15.33 -12.21
C PHE A 24 32.52 -16.64 -12.22
N ALA A 25 33.14 -17.69 -11.65
CA ALA A 25 32.50 -19.00 -11.50
C ALA A 25 31.98 -19.52 -12.84
N GLY A 26 32.81 -19.41 -13.88
CA GLY A 26 32.46 -19.95 -15.18
C GLY A 26 31.36 -19.22 -15.91
N VAL A 27 30.95 -18.04 -15.44
CA VAL A 27 29.97 -17.23 -16.14
C VAL A 27 30.63 -15.90 -16.48
N GLU A 28 30.42 -15.43 -17.70
CA GLU A 28 31.03 -14.20 -18.17
C GLU A 28 29.95 -13.12 -18.10
N TYR A 29 30.22 -12.05 -17.37
CA TYR A 29 29.24 -10.99 -17.16
C TYR A 29 29.65 -9.74 -17.91
N PRO A 30 28.82 -9.20 -18.79
CA PRO A 30 29.18 -7.96 -19.48
C PRO A 30 29.33 -6.82 -18.49
N LEU A 31 30.31 -5.96 -18.75
CA LEU A 31 30.49 -4.73 -17.97
C LEU A 31 29.48 -3.72 -18.48
N LEU A 32 28.40 -3.50 -17.70
CA LEU A 32 27.38 -2.59 -18.18
C LEU A 32 27.64 -1.19 -17.67
N PRO A 33 27.29 -0.18 -18.47
CA PRO A 33 27.59 1.21 -18.10
C PRO A 33 26.56 1.87 -17.19
N LEU A 34 27.06 2.61 -16.22
CA LEU A 34 26.25 3.55 -15.44
C LEU A 34 26.71 4.94 -15.87
N ASP A 35 25.93 5.60 -16.71
CA ASP A 35 26.43 6.84 -17.30
C ASP A 35 26.40 7.97 -16.27
N GLN A 36 27.05 9.07 -16.63
CA GLN A 36 27.32 10.18 -15.73
C GLN A 36 26.05 10.89 -15.24
N HIS A 37 24.88 10.45 -15.68
CA HIS A 37 23.64 11.00 -15.13
C HIS A 37 22.95 10.03 -14.19
N THR A 38 23.57 8.89 -13.92
CA THR A 38 23.10 8.00 -12.86
C THR A 38 23.17 8.75 -11.55
N PRO A 39 22.06 8.91 -10.82
CA PRO A 39 22.08 9.73 -9.61
C PRO A 39 22.90 9.09 -8.52
N LEU A 40 23.48 9.94 -7.67
CA LEU A 40 24.06 9.51 -6.41
C LEU A 40 22.99 9.57 -5.33
N LEU A 41 23.13 8.69 -4.35
CA LEU A 41 22.21 8.61 -3.22
C LEU A 41 23.00 8.65 -1.93
N PHE A 42 22.71 9.63 -1.09
CA PHE A 42 23.14 9.63 0.29
C PHE A 42 21.94 9.33 1.17
N GLN A 43 22.22 8.83 2.37
CA GLN A 43 21.17 8.48 3.32
C GLN A 43 21.49 9.07 4.69
N TRP A 44 20.51 9.70 5.31
CA TRP A 44 20.67 10.13 6.70
C TRP A 44 19.37 9.87 7.45
N PHE A 45 19.35 8.77 8.22
CA PHE A 45 18.26 8.47 9.13
C PHE A 45 18.61 8.97 10.53
N GLU A 46 17.84 9.92 11.03
CA GLU A 46 18.11 10.54 12.32
C GLU A 46 17.10 10.01 13.33
N ARG A 47 17.58 9.30 14.35
CA ARG A 47 16.68 8.78 15.36
C ARG A 47 16.46 9.74 16.52
N ASN A 48 17.26 10.81 16.63
CA ASN A 48 17.01 11.87 17.60
C ASN A 48 17.20 13.23 16.95
N PRO A 49 16.26 13.66 16.11
CA PRO A 49 16.44 14.95 15.42
C PRO A 49 16.39 16.14 16.36
N SER A 50 15.86 15.99 17.57
CA SER A 50 15.86 17.12 18.49
C SER A 50 17.27 17.49 18.95
N ARG A 51 18.29 16.69 18.61
CA ARG A 51 19.67 17.10 18.89
C ARG A 51 20.14 18.19 17.94
N PHE A 52 19.39 18.50 16.90
CA PHE A 52 19.70 19.59 16.00
C PHE A 52 18.83 20.79 16.32
N GLY A 53 19.27 21.97 15.85
CA GLY A 53 18.45 23.15 16.00
C GLY A 53 17.09 22.98 15.33
N GLU A 54 16.08 23.61 15.92
CA GLU A 54 14.72 23.41 15.41
C GLU A 54 14.58 23.84 13.95
N ASN A 55 15.45 24.72 13.47
CA ASN A 55 15.46 25.15 12.08
C ASN A 55 16.78 24.81 11.39
N GLN A 56 17.57 23.92 11.99
CA GLN A 56 18.83 23.49 11.41
C GLN A 56 18.62 22.27 10.52
N ILE A 57 19.49 22.10 9.53
CA ILE A 57 19.43 20.94 8.65
C ILE A 57 19.75 19.70 9.50
N PRO A 58 18.82 18.74 9.62
CA PRO A 58 18.98 17.61 10.54
C PRO A 58 19.91 16.51 10.02
N ILE A 59 21.06 16.91 9.49
CA ILE A 59 22.07 15.98 9.00
C ILE A 59 23.36 16.28 9.74
N ILE A 60 23.96 15.25 10.34
CA ILE A 60 25.15 15.50 11.13
C ILE A 60 26.17 16.24 10.28
N ASN A 61 26.87 17.16 10.91
CA ASN A 61 27.83 18.03 10.25
C ASN A 61 28.83 18.49 11.29
N THR A 62 29.26 17.56 12.13
CA THR A 62 30.23 17.89 13.15
C THR A 62 31.63 17.97 12.55
N GLN A 63 32.56 18.43 13.37
CA GLN A 63 33.96 18.43 12.99
C GLN A 63 34.46 17.01 12.73
N GLN A 64 33.97 16.02 13.49
CA GLN A 64 34.36 14.62 13.33
C GLN A 64 33.62 13.93 12.17
N ASN A 65 32.36 14.28 11.93
CA ASN A 65 31.54 13.67 10.89
C ASN A 65 30.86 14.77 10.08
N PRO A 66 31.61 15.39 9.16
CA PRO A 66 31.08 16.52 8.36
C PRO A 66 30.27 16.04 7.17
N TYR A 67 29.23 15.25 7.45
CA TYR A 67 28.54 14.53 6.37
C TYR A 67 27.72 15.47 5.50
N LEU A 68 27.04 16.44 6.12
CA LEU A 68 26.33 17.45 5.33
C LEU A 68 27.30 18.16 4.38
N ASN A 69 28.47 18.58 4.89
CA ASN A 69 29.46 19.22 4.03
C ASN A 69 29.94 18.27 2.94
N ASN A 70 30.12 16.99 3.27
CA ASN A 70 30.54 16.02 2.27
C ASN A 70 29.51 15.90 1.16
N ILE A 71 28.22 15.86 1.53
CA ILE A 71 27.16 15.79 0.53
C ILE A 71 27.17 17.06 -0.31
N ILE A 72 27.27 18.23 0.34
CA ILE A 72 27.35 19.48 -0.43
C ILE A 72 28.48 19.41 -1.44
N ASN A 73 29.68 19.06 -0.99
CA ASN A 73 30.85 19.04 -1.87
C ASN A 73 30.66 18.07 -3.04
N ALA A 74 30.09 16.90 -2.81
CA ALA A 74 29.85 15.99 -3.93
C ALA A 74 28.84 16.59 -4.89
N ALA A 75 27.88 17.36 -4.38
CA ALA A 75 26.91 18.02 -5.23
C ALA A 75 27.57 19.12 -6.06
N ILE A 76 28.59 19.77 -5.50
CA ILE A 76 29.27 20.84 -6.22
C ILE A 76 30.18 20.26 -7.30
N ILE A 77 30.81 19.12 -7.03
CA ILE A 77 31.62 18.44 -8.05
C ILE A 77 30.73 17.92 -9.18
N GLU A 78 29.63 17.23 -8.83
CA GLU A 78 28.77 16.61 -9.83
C GLU A 78 27.60 17.52 -10.20
N LYS A 79 27.93 18.73 -10.67
CA LYS A 79 26.91 19.78 -10.87
C LYS A 79 25.75 19.28 -11.72
N GLU A 80 26.04 18.46 -12.72
CA GLU A 80 25.07 17.99 -13.69
C GLU A 80 24.35 16.73 -13.24
N ARG A 81 24.79 16.10 -12.17
CA ARG A 81 24.27 14.82 -11.74
C ARG A 81 23.23 15.04 -10.64
N THR A 82 22.17 14.24 -10.69
CA THR A 82 21.16 14.29 -9.64
C THR A 82 21.68 13.65 -8.36
N ILE A 83 21.45 14.31 -7.23
CA ILE A 83 21.98 13.86 -5.94
C ILE A 83 20.84 13.67 -4.97
N GLY A 84 20.50 12.42 -4.71
CA GLY A 84 19.45 12.12 -3.75
C GLY A 84 20.00 12.09 -2.34
N VAL A 85 19.18 12.55 -1.39
CA VAL A 85 19.49 12.43 0.02
C VAL A 85 18.25 11.81 0.66
N LEU A 86 18.31 10.52 0.95
CA LEU A 86 17.16 9.87 1.58
C LEU A 86 17.24 10.12 3.07
N VAL A 87 16.26 10.82 3.61
CA VAL A 87 16.26 11.18 5.01
C VAL A 87 15.06 10.54 5.66
N ASP A 88 15.17 10.34 6.98
CA ASP A 88 14.07 9.85 7.77
C ASP A 88 14.30 10.24 9.22
N GLY A 89 13.21 10.33 9.96
CA GLY A 89 13.22 10.72 11.35
C GLY A 89 12.06 11.64 11.66
N ASN A 90 11.90 12.00 12.94
CA ASN A 90 10.78 12.83 13.35
C ASN A 90 11.19 14.30 13.35
N PHE A 91 11.48 14.81 12.15
CA PHE A 91 11.98 16.17 12.02
C PHE A 91 10.91 17.20 12.37
N SER A 92 11.34 18.32 12.94
CA SER A 92 10.43 19.44 13.12
C SER A 92 10.09 20.07 11.77
N ALA A 93 9.02 20.84 11.76
CA ALA A 93 8.64 21.53 10.53
C ALA A 93 9.78 22.42 10.04
N GLY A 94 10.49 23.06 10.95
CA GLY A 94 11.56 23.96 10.55
C GLY A 94 12.78 23.23 10.04
N GLN A 95 13.06 22.05 10.58
CA GLN A 95 14.14 21.23 10.03
C GLN A 95 13.81 20.78 8.61
N LYS A 96 12.53 20.52 8.33
CA LYS A 96 12.13 20.17 6.97
C LYS A 96 12.28 21.36 6.03
N LYS A 97 11.93 22.57 6.50
CA LYS A 97 12.15 23.77 5.68
C LYS A 97 13.63 23.97 5.42
N ALA A 98 14.47 23.71 6.42
CA ALA A 98 15.90 23.81 6.21
C ALA A 98 16.34 22.90 5.06
N LEU A 99 15.89 21.65 5.09
CA LEU A 99 16.16 20.73 4.00
C LEU A 99 15.68 21.29 2.67
N ALA A 100 14.48 21.89 2.67
CA ALA A 100 13.98 22.51 1.45
C ALA A 100 14.88 23.65 1.00
N LYS A 101 15.34 24.46 1.97
CA LYS A 101 16.28 25.53 1.64
C LYS A 101 17.55 24.96 1.00
N LEU A 102 18.00 23.80 1.50
CA LEU A 102 19.14 23.12 0.89
C LEU A 102 18.88 22.81 -0.58
N GLU A 103 17.71 22.26 -0.89
CA GLU A 103 17.39 21.94 -2.28
C GLU A 103 17.46 23.16 -3.16
N LYS A 104 17.10 24.33 -2.64
CA LYS A 104 17.07 25.54 -3.45
C LYS A 104 18.44 26.18 -3.58
N GLN A 105 19.36 25.80 -2.72
CA GLN A 105 20.73 26.26 -2.85
C GLN A 105 21.49 25.44 -3.88
N TYR A 106 21.22 24.14 -3.94
CA TYR A 106 21.92 23.24 -4.84
C TYR A 106 20.90 22.55 -5.72
N GLU A 107 20.86 22.96 -6.98
CA GLU A 107 19.82 22.52 -7.89
C GLU A 107 19.75 21.00 -7.95
N ASN A 108 20.90 20.33 -7.95
CA ASN A 108 20.93 18.89 -8.20
C ASN A 108 20.67 18.07 -6.95
N ILE A 109 20.59 18.68 -5.77
CA ILE A 109 20.28 17.95 -4.55
C ILE A 109 18.77 17.75 -4.46
N LYS A 110 18.34 16.50 -4.28
CA LYS A 110 16.93 16.16 -4.17
C LYS A 110 16.70 15.38 -2.88
N VAL A 111 16.08 16.02 -1.89
CA VAL A 111 15.80 15.38 -0.62
C VAL A 111 14.51 14.57 -0.73
N ILE A 112 14.58 13.29 -0.35
CA ILE A 112 13.47 12.36 -0.43
C ILE A 112 13.16 11.88 0.98
N TYR A 113 11.92 12.07 1.42
CA TYR A 113 11.52 11.60 2.74
C TYR A 113 11.15 10.12 2.64
N ASN A 114 11.82 9.28 3.42
CA ASN A 114 11.55 7.85 3.37
C ASN A 114 10.08 7.55 3.59
N SER A 115 9.42 8.30 4.48
CA SER A 115 8.01 8.05 4.74
C SER A 115 7.12 8.39 3.54
N ASP A 116 7.62 9.17 2.61
CA ASP A 116 6.90 9.50 1.38
C ASP A 116 6.97 8.39 0.34
N LEU A 117 7.70 7.32 0.59
CA LEU A 117 7.85 6.24 -0.37
C LEU A 117 7.04 5.03 0.07
N ASP A 118 6.51 4.32 -0.91
CA ASP A 118 5.66 3.15 -0.68
C ASP A 118 6.52 1.91 -0.87
N TYR A 119 6.72 1.17 0.22
CA TYR A 119 7.55 -0.03 0.20
C TYR A 119 6.74 -1.31 0.30
N SER A 120 5.40 -1.24 0.24
CA SER A 120 4.60 -2.43 0.52
C SER A 120 4.78 -3.50 -0.55
N MET A 121 5.22 -3.14 -1.76
CA MET A 121 5.43 -4.16 -2.77
C MET A 121 6.64 -5.03 -2.46
N TYR A 122 7.42 -4.69 -1.44
CA TYR A 122 8.55 -5.52 -1.02
C TYR A 122 8.29 -6.20 0.33
N ASP A 123 7.09 -6.07 0.88
CA ASP A 123 6.80 -6.46 2.24
C ASP A 123 6.28 -7.90 2.29
N LYS A 124 6.30 -8.46 3.49
CA LYS A 124 5.76 -9.79 3.74
C LYS A 124 5.45 -9.89 5.22
N LYS A 125 4.39 -10.63 5.56
CA LYS A 125 4.02 -10.79 6.96
C LYS A 125 5.00 -11.72 7.68
N LEU A 126 5.43 -11.31 8.87
CA LEU A 126 6.30 -12.16 9.68
C LEU A 126 5.65 -13.51 9.95
N SER A 127 4.33 -13.51 10.18
CA SER A 127 3.67 -14.77 10.48
C SER A 127 3.79 -15.73 9.30
N ASP A 128 3.77 -15.21 8.07
CA ASP A 128 3.95 -16.08 6.92
C ASP A 128 5.39 -16.59 6.83
N ILE A 129 6.37 -15.72 7.05
CA ILE A 129 7.77 -16.17 7.08
C ILE A 129 7.94 -17.26 8.13
N TYR A 130 7.56 -16.95 9.37
CA TYR A 130 7.68 -17.92 10.45
C TYR A 130 6.96 -19.21 10.12
N LEU A 131 5.68 -19.11 9.70
CA LEU A 131 4.92 -20.32 9.40
C LEU A 131 5.56 -21.14 8.31
N GLU A 132 6.20 -20.49 7.34
CA GLU A 132 6.84 -21.24 6.27
C GLU A 132 8.02 -22.04 6.80
N ASN A 133 8.79 -21.46 7.72
CA ASN A 133 9.96 -22.14 8.25
C ASN A 133 9.56 -23.25 9.21
N ILE A 134 8.55 -23.00 10.05
CA ILE A 134 8.03 -24.02 10.96
C ILE A 134 7.64 -25.28 10.20
N ALA A 135 6.97 -25.10 9.06
CA ALA A 135 6.49 -26.25 8.30
C ALA A 135 7.67 -27.07 7.77
N LYS A 136 8.69 -26.40 7.25
CA LYS A 136 9.84 -27.13 6.74
C LYS A 136 10.57 -27.85 7.87
N ILE A 137 10.82 -27.17 8.97
CA ILE A 137 11.58 -27.79 10.06
C ILE A 137 10.76 -28.90 10.71
N GLU A 138 9.46 -28.67 10.90
CA GLU A 138 8.64 -29.70 11.50
C GLU A 138 8.51 -30.92 10.61
N ALA A 139 8.69 -30.78 9.30
CA ALA A 139 8.68 -31.97 8.46
C ALA A 139 9.90 -32.84 8.73
N GLN A 140 10.95 -32.29 9.36
CA GLN A 140 12.03 -33.21 9.68
C GLN A 140 11.68 -33.92 10.98
N PRO A 141 11.92 -35.23 11.07
CA PRO A 141 11.60 -35.95 12.30
C PRO A 141 12.39 -35.40 13.49
N ALA A 142 11.84 -35.63 14.69
CA ALA A 142 12.40 -35.06 15.91
C ALA A 142 13.87 -35.43 16.10
N ASN A 143 14.32 -36.57 15.58
CA ASN A 143 15.67 -37.02 15.87
C ASN A 143 16.75 -36.22 15.12
N VAL A 144 16.41 -35.56 14.01
CA VAL A 144 17.39 -34.78 13.25
C VAL A 144 17.07 -33.30 13.16
N ARG A 145 15.87 -32.87 13.53
CA ARG A 145 15.47 -31.48 13.34
C ARG A 145 16.19 -30.56 14.31
N ASP A 146 16.38 -29.31 13.87
CA ASP A 146 16.96 -28.29 14.72
C ASP A 146 15.89 -27.86 15.73
N GLU A 147 15.81 -28.62 16.82
CA GLU A 147 14.78 -28.38 17.82
C GLU A 147 14.91 -27.01 18.47
N TYR A 148 16.15 -26.54 18.65
CA TYR A 148 16.30 -25.21 19.22
C TYR A 148 15.72 -24.15 18.29
N LEU A 149 16.13 -24.16 17.02
CA LEU A 149 15.67 -23.15 16.09
C LEU A 149 14.14 -23.18 15.98
N LEU A 150 13.57 -24.36 15.85
CA LEU A 150 12.12 -24.47 15.74
C LEU A 150 11.43 -23.78 16.91
N GLY A 151 11.97 -23.96 18.12
CA GLY A 151 11.38 -23.30 19.27
C GLY A 151 11.56 -21.80 19.24
N GLU A 152 12.67 -21.32 18.70
CA GLU A 152 12.85 -19.87 18.62
C GLU A 152 11.86 -19.26 17.65
N ILE A 153 11.65 -19.92 16.50
CA ILE A 153 10.68 -19.43 15.52
C ILE A 153 9.28 -19.49 16.10
N LYS A 154 8.94 -20.58 16.78
CA LYS A 154 7.62 -20.67 17.42
C LYS A 154 7.42 -19.55 18.44
N LYS A 155 8.44 -19.27 19.26
CA LYS A 155 8.33 -18.15 20.19
C LYS A 155 8.11 -16.83 19.45
N SER A 156 8.89 -16.60 18.38
CA SER A 156 8.73 -15.38 17.59
C SER A 156 7.33 -15.25 17.02
N LEU A 157 6.84 -16.32 16.37
CA LEU A 157 5.49 -16.30 15.83
C LEU A 157 4.46 -16.04 16.94
N ASN A 158 4.57 -16.78 18.03
CA ASN A 158 3.68 -16.59 19.18
C ASN A 158 3.73 -15.15 19.69
N GLU A 159 4.92 -14.56 19.75
CA GLU A 159 5.03 -13.17 20.19
C GLU A 159 4.28 -12.25 19.23
N VAL A 160 4.45 -12.48 17.92
CA VAL A 160 3.76 -11.69 16.91
C VAL A 160 2.25 -11.81 17.07
N LEU A 161 1.75 -13.04 17.15
CA LEU A 161 0.30 -13.26 17.26
C LEU A 161 -0.29 -12.70 18.53
N LYS A 162 0.51 -12.54 19.58
CA LYS A 162 -0.02 -12.01 20.84
C LYS A 162 -0.08 -10.49 20.86
N ASN A 163 0.77 -9.82 20.08
CA ASN A 163 0.90 -8.38 20.17
C ASN A 163 0.67 -7.64 18.85
N ASN A 164 0.98 -8.25 17.72
CA ASN A 164 0.83 -7.52 16.48
C ASN A 164 0.73 -8.52 15.33
N PRO A 165 -0.38 -9.25 15.23
CA PRO A 165 -0.45 -10.36 14.28
C PRO A 165 -0.16 -9.99 12.84
N GLU A 166 -0.28 -8.72 12.46
CA GLU A 166 -0.01 -8.26 11.10
C GLU A 166 1.38 -7.66 10.95
N GLU A 167 2.22 -7.78 11.98
CA GLU A 167 3.63 -7.42 11.86
C GLU A 167 4.23 -7.99 10.59
N SER A 168 4.93 -7.13 9.83
CA SER A 168 5.57 -7.51 8.58
C SER A 168 7.04 -7.12 8.64
N LEU A 169 7.80 -7.52 7.61
CA LEU A 169 9.21 -7.12 7.54
C LEU A 169 9.39 -5.62 7.68
N VAL A 170 8.59 -4.85 6.93
CA VAL A 170 8.72 -3.40 6.96
C VAL A 170 8.39 -2.85 8.33
N SER A 171 7.20 -3.19 8.86
CA SER A 171 6.79 -2.66 10.16
C SER A 171 7.75 -3.11 11.25
N SER A 172 8.24 -4.34 11.18
CA SER A 172 9.18 -4.82 12.17
C SER A 172 10.48 -4.01 12.16
N HIS A 173 10.99 -3.70 10.97
CA HIS A 173 12.22 -2.91 10.90
C HIS A 173 11.95 -1.45 11.24
N ASP A 174 10.75 -0.94 10.96
CA ASP A 174 10.39 0.41 11.38
C ASP A 174 10.67 0.62 12.86
N LYS A 175 10.47 -0.42 13.67
CA LYS A 175 10.67 -0.32 15.11
C LYS A 175 12.14 -0.32 15.49
N ARG A 176 12.98 -0.99 14.72
CA ARG A 176 14.36 -1.28 15.12
C ARG A 176 15.27 -0.13 14.68
N LEU A 177 15.21 0.97 15.44
CA LEU A 177 16.04 2.12 15.12
C LEU A 177 17.52 1.74 15.14
N GLY A 178 18.29 2.38 14.28
CA GLY A 178 19.70 2.09 14.16
C GLY A 178 20.04 1.50 12.80
N HIS A 179 21.28 1.02 12.70
CA HIS A 179 21.77 0.59 11.41
C HIS A 179 20.87 -0.47 10.79
N VAL A 180 20.31 -1.37 11.61
CA VAL A 180 19.47 -2.42 11.05
C VAL A 180 18.32 -1.82 10.27
N ARG A 181 17.73 -0.72 10.75
CA ARG A 181 16.61 -0.15 10.00
C ARG A 181 17.07 0.63 8.78
N PHE A 182 18.10 1.48 8.92
CA PHE A 182 18.45 2.21 7.71
C PHE A 182 19.19 1.34 6.70
N ASP A 183 19.87 0.28 7.16
CA ASP A 183 20.37 -0.71 6.19
C ASP A 183 19.22 -1.30 5.40
N PHE A 184 18.11 -1.58 6.08
CA PHE A 184 16.97 -2.24 5.45
C PHE A 184 16.38 -1.38 4.35
N TYR A 185 16.07 -0.11 4.67
CA TYR A 185 15.50 0.79 3.67
C TYR A 185 16.49 1.18 2.59
N ARG A 186 17.79 1.12 2.87
CA ARG A 186 18.76 1.39 1.81
C ARG A 186 18.59 0.39 0.68
N ASN A 187 18.45 -0.89 1.01
CA ASN A 187 18.21 -1.92 0.01
C ASN A 187 16.90 -1.69 -0.73
N LEU A 188 15.83 -1.33 -0.02
CA LEU A 188 14.55 -1.16 -0.67
C LEU A 188 14.55 0.06 -1.59
N PHE A 189 15.21 1.14 -1.17
CA PHE A 189 15.31 2.32 -2.04
C PHE A 189 16.09 1.99 -3.30
N LEU A 190 17.19 1.24 -3.17
CA LEU A 190 17.94 0.86 -4.36
C LEU A 190 17.15 -0.07 -5.27
N LEU A 191 16.23 -0.85 -4.71
CA LEU A 191 15.33 -1.63 -5.56
C LEU A 191 14.45 -0.70 -6.40
N LYS A 192 14.04 0.43 -5.82
CA LYS A 192 13.30 1.41 -6.62
C LYS A 192 14.22 2.13 -7.61
N GLY A 193 15.49 2.31 -7.26
CA GLY A 193 16.40 2.91 -8.20
C GLY A 193 16.00 4.34 -8.51
N SER A 194 16.23 4.75 -9.76
CA SER A 194 15.79 6.08 -10.20
C SER A 194 14.30 6.28 -9.97
N ASN A 195 13.51 5.20 -9.99
CA ASN A 195 12.05 5.34 -9.83
C ASN A 195 11.70 6.07 -8.55
N ALA A 196 12.54 5.98 -7.51
CA ALA A 196 12.19 6.57 -6.23
C ALA A 196 12.13 8.09 -6.34
N PHE A 197 13.02 8.68 -7.15
CA PHE A 197 12.98 10.13 -7.37
C PHE A 197 11.69 10.54 -8.07
N LEU A 198 11.24 9.73 -9.02
CA LEU A 198 9.98 10.01 -9.68
C LEU A 198 8.81 9.76 -8.74
N GLU A 199 8.85 8.67 -7.99
CA GLU A 199 7.78 8.43 -7.03
C GLU A 199 7.65 9.59 -6.06
N ALA A 200 8.79 10.11 -5.58
CA ALA A 200 8.80 11.19 -4.62
C ALA A 200 8.48 12.54 -5.26
N GLY A 201 8.37 12.61 -6.58
CA GLY A 201 7.94 13.83 -7.22
C GLY A 201 9.02 14.89 -7.33
N LYS A 202 10.28 14.49 -7.40
CA LYS A 202 11.39 15.42 -7.55
C LYS A 202 11.46 15.86 -9.00
N HIS A 203 11.24 17.14 -9.26
CA HIS A 203 11.20 17.63 -10.62
C HIS A 203 12.58 18.03 -11.12
N GLY A 204 12.78 17.90 -12.42
CA GLY A 204 13.97 18.41 -13.07
C GLY A 204 15.20 17.54 -12.94
N CYS A 205 15.03 16.24 -12.69
CA CYS A 205 16.17 15.33 -12.60
C CYS A 205 16.63 14.98 -14.00
N HIS A 206 17.78 15.53 -14.40
CA HIS A 206 18.24 15.44 -15.78
C HIS A 206 18.53 14.01 -16.19
N HIS A 207 17.92 13.58 -17.28
CA HIS A 207 18.19 12.29 -17.90
C HIS A 207 17.81 11.12 -17.01
N LEU A 208 17.11 11.38 -15.92
CA LEU A 208 16.69 10.30 -15.05
C LEU A 208 15.54 9.56 -15.70
N GLN A 209 15.69 8.24 -15.82
CA GLN A 209 14.72 7.45 -16.57
C GLN A 209 14.09 6.40 -15.66
N PRO A 210 12.79 6.13 -15.79
CA PRO A 210 12.19 5.03 -15.03
C PRO A 210 12.93 3.72 -15.29
N GLY A 211 13.03 2.90 -14.27
CA GLY A 211 13.87 1.73 -14.36
C GLY A 211 15.35 2.01 -14.30
N GLY A 212 15.74 3.28 -14.21
CA GLY A 212 17.15 3.65 -14.13
C GLY A 212 17.78 3.27 -12.80
N GLY A 213 19.10 3.38 -12.75
CA GLY A 213 19.86 2.96 -11.60
C GLY A 213 20.18 4.09 -10.62
N CYS A 214 21.22 3.86 -9.84
CA CYS A 214 21.53 4.66 -8.66
C CYS A 214 22.87 4.23 -8.11
N ILE A 215 23.61 5.17 -7.55
CA ILE A 215 24.90 4.89 -6.91
C ILE A 215 24.77 5.36 -5.47
N TYR A 216 24.60 4.43 -4.54
CA TYR A 216 24.55 4.78 -3.13
C TYR A 216 25.95 4.92 -2.55
N LEU A 217 26.14 5.94 -1.71
CA LEU A 217 27.43 6.18 -1.09
C LEU A 217 27.22 6.56 0.36
N ASP A 218 28.06 6.02 1.24
CA ASP A 218 28.09 6.51 2.60
C ASP A 218 28.54 7.97 2.59
N ALA A 219 27.96 8.77 3.48
CA ALA A 219 28.26 10.20 3.45
C ALA A 219 29.72 10.47 3.74
N ASP A 220 30.46 9.49 4.27
CA ASP A 220 31.89 9.64 4.47
C ASP A 220 32.72 9.13 3.29
N MET A 221 32.07 8.76 2.18
CA MET A 221 32.75 8.42 0.93
C MET A 221 32.96 9.73 0.18
N LEU A 222 34.16 10.29 0.30
CA LEU A 222 34.43 11.64 -0.19
C LEU A 222 34.72 11.63 -1.69
N LEU A 223 33.99 12.45 -2.44
CA LEU A 223 34.32 12.69 -3.84
C LEU A 223 35.46 13.68 -3.93
N THR A 224 36.39 13.41 -4.86
CA THR A 224 37.46 14.34 -5.18
C THR A 224 37.47 14.75 -6.65
N GLY A 225 36.56 14.21 -7.45
CA GLY A 225 36.47 14.54 -8.86
C GLY A 225 35.21 13.90 -9.39
N LYS A 226 34.87 14.27 -10.62
CA LYS A 226 33.71 13.65 -11.26
C LYS A 226 33.93 12.14 -11.38
N LEU A 227 32.84 11.39 -11.32
CA LEU A 227 32.88 9.95 -11.50
C LEU A 227 32.76 9.51 -12.95
N GLY A 228 32.18 10.34 -13.81
CA GLY A 228 32.04 9.86 -15.17
C GLY A 228 31.19 8.60 -15.23
N THR A 229 31.47 7.78 -16.23
CA THR A 229 30.70 6.58 -16.50
C THR A 229 31.37 5.37 -15.88
N LEU A 230 30.58 4.54 -15.20
CA LEU A 230 31.08 3.33 -14.58
C LEU A 230 30.76 2.13 -15.45
N TYR A 231 31.58 1.08 -15.31
CA TYR A 231 31.40 -0.17 -16.05
C TYR A 231 31.47 -1.31 -15.05
N LEU A 232 30.32 -1.92 -14.76
CA LEU A 232 30.24 -2.87 -13.67
C LEU A 232 29.67 -4.20 -14.15
N PRO A 233 30.11 -5.31 -13.56
CA PRO A 233 29.66 -6.63 -14.00
C PRO A 233 28.15 -6.80 -13.83
N ASP A 234 27.46 -6.96 -14.95
CA ASP A 234 25.99 -6.95 -14.97
C ASP A 234 25.47 -5.69 -14.30
N GLY A 235 26.24 -4.62 -14.35
CA GLY A 235 25.79 -3.34 -13.85
C GLY A 235 25.62 -3.23 -12.35
N ILE A 236 26.39 -3.99 -11.55
CA ILE A 236 26.34 -3.84 -10.10
C ILE A 236 27.75 -3.98 -9.52
N ALA A 237 27.99 -3.23 -8.45
CA ALA A 237 29.22 -3.34 -7.66
C ALA A 237 28.93 -2.80 -6.27
N VAL A 238 29.71 -3.27 -5.30
CA VAL A 238 29.57 -2.85 -3.91
C VAL A 238 30.95 -2.56 -3.34
N HIS A 239 30.95 -1.86 -2.21
CA HIS A 239 32.18 -1.61 -1.49
C HIS A 239 32.78 -2.92 -1.00
N VAL A 240 34.11 -3.00 -1.07
CA VAL A 240 34.86 -4.09 -0.47
C VAL A 240 35.84 -3.44 0.49
N SER A 241 35.66 -3.67 1.77
CA SER A 241 36.50 -3.02 2.76
C SER A 241 37.68 -3.91 3.10
N ARG A 242 38.79 -3.27 3.44
CA ARG A 242 39.98 -3.98 3.87
C ARG A 242 40.37 -3.48 5.25
N LYS A 243 40.46 -4.40 6.20
CA LYS A 243 40.91 -4.15 7.56
C LYS A 243 41.95 -5.21 7.90
N GLY A 244 43.02 -4.78 8.56
CA GLY A 244 44.14 -5.68 8.71
C GLY A 244 44.43 -6.32 7.38
N ASN A 245 44.47 -7.64 7.34
CA ASN A 245 44.71 -8.37 6.11
C ASN A 245 43.43 -8.95 5.49
N SER A 246 42.27 -8.51 5.95
CA SER A 246 41.00 -9.09 5.54
C SER A 246 40.27 -8.19 4.55
N MET A 247 39.37 -8.81 3.79
CA MET A 247 38.45 -8.06 2.95
C MET A 247 37.04 -8.61 3.16
N SER A 248 36.06 -7.72 3.11
CA SER A 248 34.67 -8.10 3.23
C SER A 248 33.82 -7.28 2.27
N LEU A 249 32.83 -7.94 1.66
CA LEU A 249 31.74 -7.20 1.02
C LEU A 249 31.13 -6.25 2.04
N GLU A 250 30.81 -5.04 1.59
CA GLU A 250 30.23 -4.02 2.44
C GLU A 250 29.06 -3.39 1.69
N ASN A 251 28.19 -2.70 2.42
CA ASN A 251 27.09 -1.98 1.80
C ASN A 251 27.28 -0.47 1.88
N GLY A 252 28.49 -0.01 2.22
CA GLY A 252 28.81 1.40 2.21
C GLY A 252 28.79 2.02 0.83
N ILE A 253 28.97 1.22 -0.21
CA ILE A 253 28.75 1.64 -1.59
C ILE A 253 27.97 0.53 -2.28
N ILE A 254 26.87 0.90 -2.94
CA ILE A 254 26.08 -0.01 -3.76
C ILE A 254 25.72 0.70 -5.04
N ALA A 255 26.19 0.17 -6.16
CA ALA A 255 25.95 0.74 -7.48
C ALA A 255 25.16 -0.26 -8.31
N VAL A 256 24.05 0.18 -8.87
CA VAL A 256 23.22 -0.61 -9.76
C VAL A 256 22.92 0.23 -10.99
N ASN A 257 22.84 -0.42 -12.15
CA ASN A 257 22.51 0.27 -13.39
C ASN A 257 21.01 0.30 -13.67
N ARG A 258 20.21 -0.31 -12.80
CA ARG A 258 18.77 -0.42 -13.07
C ARG A 258 18.05 -0.65 -11.75
N SER A 259 16.75 -0.38 -11.77
CA SER A 259 15.91 -0.72 -10.62
C SER A 259 15.69 -2.22 -10.57
N GLU A 260 15.26 -2.69 -9.40
CA GLU A 260 14.94 -4.10 -9.24
C GLU A 260 16.10 -4.99 -9.68
N HIS A 261 17.32 -4.58 -9.37
CA HIS A 261 18.45 -5.37 -9.81
C HIS A 261 18.29 -6.79 -9.28
N PRO A 262 18.40 -7.81 -10.13
CA PRO A 262 18.11 -9.18 -9.68
C PRO A 262 18.92 -9.61 -8.48
N ALA A 263 20.13 -9.07 -8.29
CA ALA A 263 20.93 -9.41 -7.11
C ALA A 263 20.33 -8.84 -5.84
N LEU A 264 19.85 -7.60 -5.86
CA LEU A 264 19.18 -7.06 -4.69
C LEU A 264 17.82 -7.72 -4.49
N LYS A 265 17.17 -8.11 -5.59
CA LYS A 265 15.90 -8.84 -5.47
C LYS A 265 16.11 -10.19 -4.82
N LYS A 266 17.19 -10.89 -5.17
CA LYS A 266 17.47 -12.17 -4.50
C LYS A 266 17.71 -11.95 -3.01
N GLY A 267 18.42 -10.87 -2.65
CA GLY A 267 18.60 -10.57 -1.24
C GLY A 267 17.29 -10.35 -0.52
N LEU A 268 16.37 -9.62 -1.16
CA LEU A 268 15.03 -9.49 -0.59
C LEU A 268 14.35 -10.85 -0.48
N GLU A 269 14.46 -11.69 -1.51
CA GLU A 269 13.89 -13.03 -1.43
C GLU A 269 14.44 -13.79 -0.23
N ILE A 270 15.75 -13.70 0.01
CA ILE A 270 16.32 -14.35 1.18
C ILE A 270 15.69 -13.81 2.45
N MET A 271 15.55 -12.47 2.55
CA MET A 271 14.85 -11.83 3.65
C MET A 271 13.43 -12.38 3.81
N HIS A 272 12.79 -12.77 2.71
CA HIS A 272 11.41 -13.27 2.74
C HIS A 272 11.31 -14.72 3.18
N SER A 273 12.40 -15.48 3.11
CA SER A 273 12.34 -16.90 3.46
C SER A 273 13.06 -17.22 4.76
N LYS A 274 14.04 -16.41 5.16
CA LYS A 274 14.79 -16.61 6.41
C LYS A 274 14.04 -16.00 7.58
N PRO A 275 13.88 -16.73 8.70
CA PRO A 275 13.14 -16.14 9.84
C PRO A 275 13.80 -14.90 10.43
N TYR A 276 15.12 -14.81 10.42
CA TYR A 276 15.82 -13.69 11.04
C TYR A 276 16.76 -13.02 10.04
N GLY A 277 16.24 -12.74 8.85
CA GLY A 277 17.04 -12.12 7.81
C GLY A 277 17.67 -10.80 8.19
N ASP A 278 18.98 -10.67 7.92
CA ASP A 278 19.69 -9.41 8.15
C ASP A 278 19.75 -8.60 6.87
N PRO A 279 19.35 -7.33 6.88
CA PRO A 279 19.43 -6.53 5.65
C PRO A 279 20.82 -6.48 5.03
N TYR A 280 21.87 -6.51 5.85
CA TYR A 280 23.23 -6.46 5.32
C TYR A 280 23.74 -7.85 4.94
N ILE A 281 23.77 -8.77 5.91
CA ILE A 281 24.33 -10.09 5.67
C ILE A 281 23.56 -10.84 4.58
N ASP A 282 22.23 -10.74 4.61
CA ASP A 282 21.38 -11.45 3.65
C ASP A 282 20.92 -10.57 2.49
N GLY A 283 20.43 -9.37 2.78
CA GLY A 283 19.89 -8.53 1.72
C GLY A 283 20.94 -8.03 0.75
N VAL A 284 22.20 -7.94 1.16
CA VAL A 284 23.26 -7.47 0.29
C VAL A 284 24.25 -8.60 0.03
N CYS A 285 25.02 -9.00 1.04
CA CYS A 285 26.04 -10.02 0.80
C CYS A 285 25.41 -11.31 0.29
N GLY A 286 24.32 -11.73 0.93
CA GLY A 286 23.68 -12.98 0.51
C GLY A 286 23.12 -12.88 -0.89
N GLY A 287 22.44 -11.78 -1.21
CA GLY A 287 21.89 -11.63 -2.54
C GLY A 287 22.95 -11.64 -3.62
N LEU A 288 24.04 -10.90 -3.41
CA LEU A 288 25.13 -10.88 -4.37
C LEU A 288 25.71 -12.28 -4.58
N ARG A 289 25.99 -12.99 -3.48
CA ARG A 289 26.68 -14.27 -3.59
C ARG A 289 25.83 -15.32 -4.29
N HIS A 290 24.53 -15.40 -3.96
CA HIS A 290 23.69 -16.33 -4.69
C HIS A 290 23.58 -15.94 -6.15
N TYR A 291 23.32 -14.65 -6.42
CA TYR A 291 23.15 -14.20 -7.79
C TYR A 291 24.35 -14.56 -8.66
N PHE A 292 25.57 -14.38 -8.16
CA PHE A 292 26.77 -14.69 -8.91
C PHE A 292 27.31 -16.09 -8.60
N ASN A 293 26.57 -16.87 -7.81
CA ASN A 293 26.96 -18.24 -7.45
C ASN A 293 28.35 -18.26 -6.82
N CYS A 294 28.56 -17.35 -5.87
CA CYS A 294 29.74 -17.43 -5.02
C CYS A 294 29.32 -18.31 -3.85
N SER A 295 29.45 -19.61 -4.04
CA SER A 295 29.06 -20.56 -3.01
C SER A 295 30.13 -20.61 -1.93
N ILE A 296 29.76 -21.20 -0.79
CA ILE A 296 30.72 -21.39 0.28
C ILE A 296 31.90 -22.22 -0.21
N ARG A 297 31.70 -23.00 -1.27
CA ARG A 297 32.79 -23.72 -1.93
C ARG A 297 33.68 -22.82 -2.78
N HIS A 298 33.14 -21.75 -3.36
CA HIS A 298 33.93 -20.84 -4.20
C HIS A 298 34.87 -19.97 -3.35
N ASN A 299 35.71 -19.21 -4.05
CA ASN A 299 36.69 -18.33 -3.42
C ASN A 299 36.09 -16.95 -3.16
N TYR A 300 35.98 -16.59 -1.88
CA TYR A 300 35.40 -15.31 -1.50
C TYR A 300 36.27 -14.14 -1.94
N GLU A 301 37.60 -14.26 -1.76
CA GLU A 301 38.49 -13.20 -2.20
C GLU A 301 38.39 -12.97 -3.71
N GLU A 302 38.20 -14.04 -4.48
CA GLU A 302 38.02 -13.88 -5.92
C GLU A 302 36.71 -13.18 -6.25
N PHE A 303 35.65 -13.47 -5.49
CA PHE A 303 34.39 -12.76 -5.72
C PHE A 303 34.51 -11.28 -5.35
N CYS A 304 35.13 -10.97 -4.21
CA CYS A 304 35.31 -9.57 -3.81
C CYS A 304 35.99 -8.76 -4.91
N ASN A 305 37.14 -9.23 -5.40
CA ASN A 305 37.85 -8.52 -6.46
C ASN A 305 36.98 -8.34 -7.70
N PHE A 306 36.25 -9.40 -8.08
CA PHE A 306 35.35 -9.32 -9.22
C PHE A 306 34.30 -8.24 -9.05
N ILE A 307 33.70 -8.16 -7.85
CA ILE A 307 32.50 -7.34 -7.65
C ILE A 307 32.82 -5.97 -7.05
N GLU A 308 34.08 -5.70 -6.75
CA GLU A 308 34.43 -4.49 -6.01
C GLU A 308 34.10 -3.22 -6.79
N PHE A 309 33.56 -2.24 -6.06
CA PHE A 309 33.38 -0.90 -6.61
C PHE A 309 34.67 -0.11 -6.44
N LYS A 310 35.31 0.26 -7.55
CA LYS A 310 36.59 0.94 -7.53
C LYS A 310 36.50 2.28 -8.25
N HIS A 311 36.97 3.34 -7.60
CA HIS A 311 37.10 4.63 -8.27
C HIS A 311 38.16 5.46 -7.58
N GLU A 312 39.13 5.96 -8.37
CA GLU A 312 40.20 6.77 -7.83
C GLU A 312 39.72 8.10 -7.26
N HIS A 313 38.52 8.54 -7.63
CA HIS A 313 37.98 9.82 -7.19
C HIS A 313 37.04 9.70 -6.00
N ILE A 314 37.05 8.57 -5.30
CA ILE A 314 36.31 8.44 -4.04
C ILE A 314 37.31 8.09 -2.95
N PHE A 315 37.36 8.91 -1.90
CA PHE A 315 38.13 8.56 -0.71
C PHE A 315 37.19 7.87 0.26
N MET A 316 37.38 6.56 0.44
CA MET A 316 36.33 5.70 1.01
C MET A 316 36.39 5.62 2.53
N ASP A 317 35.22 5.43 3.13
CA ASP A 317 35.03 5.19 4.57
C ASP A 317 35.95 6.06 5.42
N THR A 318 35.85 7.38 5.22
CA THR A 318 36.66 8.30 6.01
C THR A 318 36.27 8.37 7.48
N SER A 319 35.11 7.82 7.86
CA SER A 319 34.76 7.81 9.28
C SER A 319 35.73 6.94 10.07
N SER A 320 36.29 5.90 9.42
CA SER A 320 37.27 5.07 10.09
C SER A 320 38.53 5.86 10.46
N LEU A 321 38.74 7.02 9.84
CA LEU A 321 39.85 7.88 10.21
C LEU A 321 39.56 8.67 11.48
N THR A 322 38.28 8.88 11.82
CA THR A 322 37.92 9.60 13.02
C THR A 322 37.07 8.74 13.96
N ILE A 323 35.75 8.75 13.78
CA ILE A 323 34.85 7.92 14.59
C ILE A 323 33.60 7.68 13.78
N SER A 324 33.01 6.50 13.96
CA SER A 324 31.70 6.21 13.37
C SER A 324 30.66 7.18 13.90
N SER A 325 29.65 7.46 13.07
CA SER A 325 28.57 8.32 13.53
C SER A 325 27.53 7.57 14.36
N TRP A 326 27.57 6.22 14.38
CA TRP A 326 26.55 5.47 15.12
C TRP A 326 27.11 4.32 15.98
N ARG A 327 28.35 3.89 15.78
CA ARG A 327 28.91 2.81 16.60
C ARG A 327 29.44 3.31 17.94
N SER B 19 -30.89 -24.60 6.51
CA SER B 19 -30.94 -23.16 6.29
C SER B 19 -31.88 -22.81 5.11
N GLY B 20 -32.01 -23.75 4.18
CA GLY B 20 -32.83 -23.59 2.99
C GLY B 20 -31.99 -23.13 1.81
N SER B 21 -32.68 -22.92 0.69
CA SER B 21 -31.97 -22.53 -0.52
C SER B 21 -32.94 -21.92 -1.53
N ALA B 22 -32.37 -21.23 -2.52
CA ALA B 22 -33.16 -20.61 -3.57
C ALA B 22 -32.47 -20.79 -4.91
N ASN B 23 -33.29 -20.86 -5.96
CA ASN B 23 -32.84 -21.16 -7.31
C ASN B 23 -32.89 -19.90 -8.17
N PHE B 24 -31.86 -19.70 -9.00
CA PHE B 24 -31.93 -18.68 -10.04
C PHE B 24 -31.11 -19.12 -11.25
N ALA B 25 -31.74 -19.06 -12.43
CA ALA B 25 -31.08 -19.37 -13.69
C ALA B 25 -30.41 -20.74 -13.64
N GLY B 26 -31.17 -21.73 -13.18
CA GLY B 26 -30.68 -23.08 -13.21
C GLY B 26 -29.56 -23.38 -12.24
N VAL B 27 -29.30 -22.48 -11.29
CA VAL B 27 -28.30 -22.70 -10.26
C VAL B 27 -28.95 -22.60 -8.88
N GLU B 28 -28.52 -23.48 -7.99
CA GLU B 28 -29.02 -23.53 -6.62
C GLU B 28 -28.06 -22.82 -5.69
N TYR B 29 -28.57 -21.85 -4.95
CA TYR B 29 -27.76 -21.09 -4.01
C TYR B 29 -28.27 -21.35 -2.61
N PRO B 30 -27.48 -21.96 -1.73
CA PRO B 30 -27.93 -22.15 -0.35
C PRO B 30 -28.11 -20.80 0.32
N LEU B 31 -29.13 -20.72 1.18
CA LEU B 31 -29.37 -19.53 1.97
C LEU B 31 -28.40 -19.52 3.14
N LEU B 32 -27.35 -18.62 3.08
CA LEU B 32 -26.40 -18.68 4.18
C LEU B 32 -26.78 -17.68 5.26
N PRO B 33 -26.49 -18.01 6.52
CA PRO B 33 -26.92 -17.14 7.61
C PRO B 33 -25.95 -16.00 7.84
N LEU B 34 -26.51 -14.82 8.10
CA LEU B 34 -25.78 -13.68 8.63
C LEU B 34 -26.27 -13.55 10.07
N ASP B 35 -25.46 -13.98 11.02
CA ASP B 35 -25.97 -14.09 12.38
C ASP B 35 -26.11 -12.69 12.98
N GLN B 36 -26.80 -12.65 14.12
CA GLN B 36 -27.22 -11.39 14.75
C GLN B 36 -26.05 -10.54 15.24
N HIS B 37 -24.82 -11.01 15.09
CA HIS B 37 -23.66 -10.20 15.43
C HIS B 37 -22.93 -9.66 14.20
N THR B 38 -23.47 -9.88 13.01
CA THR B 38 -22.95 -9.21 11.83
C THR B 38 -23.09 -7.69 11.99
N PRO B 39 -22.02 -6.92 11.89
CA PRO B 39 -22.12 -5.47 12.12
C PRO B 39 -22.94 -4.77 11.04
N LEU B 40 -23.55 -3.66 11.44
CA LEU B 40 -24.15 -2.74 10.48
C LEU B 40 -23.12 -1.69 10.07
N LEU B 41 -23.28 -1.18 8.85
CA LEU B 41 -22.40 -0.14 8.35
C LEU B 41 -23.26 1.01 7.86
N PHE B 42 -23.03 2.18 8.42
CA PHE B 42 -23.53 3.43 7.87
C PHE B 42 -22.36 4.21 7.32
N GLN B 43 -22.64 5.09 6.36
CA GLN B 43 -21.60 5.86 5.69
C GLN B 43 -21.99 7.33 5.66
N TRP B 44 -21.07 8.22 6.00
CA TRP B 44 -21.33 9.65 5.83
C TRP B 44 -20.05 10.33 5.33
N PHE B 45 -19.97 10.57 4.03
CA PHE B 45 -18.91 11.37 3.43
C PHE B 45 -19.40 12.80 3.32
N GLU B 46 -18.77 13.72 4.05
CA GLU B 46 -19.20 15.11 4.16
C GLU B 46 -18.27 16.00 3.34
N ARG B 47 -18.83 16.67 2.33
CA ARG B 47 -18.01 17.49 1.46
C ARG B 47 -17.90 18.94 1.90
N ASN B 48 -18.78 19.41 2.79
CA ASN B 48 -18.68 20.75 3.36
C ASN B 48 -18.92 20.66 4.87
N PRO B 49 -17.92 20.17 5.62
CA PRO B 49 -18.13 19.97 7.07
C PRO B 49 -18.27 21.25 7.86
N SER B 50 -17.75 22.37 7.35
CA SER B 50 -17.90 23.62 8.10
C SER B 50 -19.35 24.09 8.16
N ARG B 51 -20.27 23.44 7.45
CA ARG B 51 -21.68 23.76 7.62
C ARG B 51 -22.23 23.23 8.95
N PHE B 52 -21.45 22.44 9.68
CA PHE B 52 -21.84 22.02 11.01
C PHE B 52 -21.07 22.84 12.05
N GLY B 53 -21.61 22.88 13.27
CA GLY B 53 -20.92 23.55 14.35
C GLY B 53 -19.55 22.95 14.57
N GLU B 54 -18.61 23.81 15.00
CA GLU B 54 -17.23 23.35 15.17
C GLU B 54 -17.11 22.26 16.23
N ASN B 55 -18.11 22.12 17.11
CA ASN B 55 -18.13 21.05 18.10
C ASN B 55 -19.35 20.15 17.90
N GLN B 56 -20.00 20.25 16.75
CA GLN B 56 -21.17 19.46 16.43
C GLN B 56 -20.76 18.18 15.74
N ILE B 57 -21.56 17.13 15.89
CA ILE B 57 -21.29 15.89 15.18
C ILE B 57 -21.53 16.15 13.69
N PRO B 58 -20.53 15.98 12.84
CA PRO B 58 -20.63 16.40 11.44
C PRO B 58 -21.38 15.43 10.53
N ILE B 59 -22.53 14.97 11.00
CA ILE B 59 -23.41 14.09 10.23
C ILE B 59 -24.77 14.77 10.13
N ILE B 60 -25.31 14.85 8.92
CA ILE B 60 -26.57 15.57 8.72
C ILE B 60 -27.60 15.03 9.68
N ASN B 61 -28.44 15.93 10.20
CA ASN B 61 -29.43 15.54 11.19
C ASN B 61 -30.58 16.55 11.20
N THR B 62 -31.02 16.96 10.02
CA THR B 62 -32.14 17.88 9.89
C THR B 62 -33.45 17.12 10.10
N GLN B 63 -34.56 17.88 10.16
CA GLN B 63 -35.86 17.23 10.15
C GLN B 63 -36.07 16.43 8.88
N GLN B 64 -35.53 16.92 7.75
CA GLN B 64 -35.69 16.24 6.47
C GLN B 64 -34.79 15.02 6.35
N ASN B 65 -33.60 15.06 6.92
CA ASN B 65 -32.64 13.96 6.86
C ASN B 65 -32.08 13.76 8.26
N PRO B 66 -32.83 13.10 9.16
CA PRO B 66 -32.36 12.91 10.54
C PRO B 66 -31.41 11.72 10.66
N TYR B 67 -30.32 11.75 9.91
CA TYR B 67 -29.50 10.56 9.72
C TYR B 67 -28.70 10.21 10.98
N LEU B 68 -28.10 11.19 11.65
CA LEU B 68 -27.46 10.90 12.93
C LEU B 68 -28.45 10.25 13.88
N ASN B 69 -29.66 10.81 13.96
CA ASN B 69 -30.69 10.24 14.81
C ASN B 69 -31.05 8.82 14.38
N ASN B 70 -31.14 8.58 13.08
CA ASN B 70 -31.45 7.23 12.60
C ASN B 70 -30.34 6.25 12.97
N ILE B 71 -29.09 6.66 12.82
CA ILE B 71 -27.97 5.79 13.18
C ILE B 71 -27.99 5.48 14.67
N ILE B 72 -28.13 6.51 15.49
CA ILE B 72 -28.25 6.30 16.93
C ILE B 72 -29.40 5.34 17.23
N ASN B 73 -30.55 5.59 16.63
CA ASN B 73 -31.70 4.73 16.88
C ASN B 73 -31.38 3.27 16.60
N ALA B 74 -30.66 3.01 15.50
CA ALA B 74 -30.26 1.64 15.17
C ALA B 74 -29.30 1.07 16.20
N ALA B 75 -28.45 1.90 16.79
CA ALA B 75 -27.55 1.39 17.82
C ALA B 75 -28.32 1.00 19.07
N ILE B 76 -29.39 1.72 19.39
CA ILE B 76 -30.17 1.38 20.59
C ILE B 76 -31.06 0.16 20.38
N ILE B 77 -31.58 -0.05 19.17
CA ILE B 77 -32.31 -1.28 18.88
C ILE B 77 -31.37 -2.47 18.89
N GLU B 78 -30.24 -2.35 18.20
CA GLU B 78 -29.30 -3.46 18.02
C GLU B 78 -28.18 -3.39 19.07
N LYS B 79 -28.60 -3.47 20.34
CA LYS B 79 -27.69 -3.24 21.46
C LYS B 79 -26.44 -4.12 21.39
N GLU B 80 -26.59 -5.37 20.95
CA GLU B 80 -25.49 -6.32 21.01
C GLU B 80 -24.63 -6.33 19.75
N ARG B 81 -25.04 -5.62 18.70
CA ARG B 81 -24.38 -5.65 17.41
C ARG B 81 -23.45 -4.46 17.25
N THR B 82 -22.31 -4.67 16.59
CA THR B 82 -21.39 -3.57 16.30
C THR B 82 -21.96 -2.72 15.17
N ILE B 83 -21.91 -1.40 15.33
CA ILE B 83 -22.47 -0.48 14.33
C ILE B 83 -21.34 0.43 13.84
N GLY B 84 -20.86 0.19 12.63
CA GLY B 84 -19.82 1.01 12.04
C GLY B 84 -20.42 2.23 11.36
N VAL B 85 -19.69 3.34 11.45
CA VAL B 85 -20.04 4.58 10.75
C VAL B 85 -18.78 4.99 10.01
N LEU B 86 -18.74 4.75 8.70
CA LEU B 86 -17.60 5.15 7.89
C LEU B 86 -17.78 6.60 7.51
N VAL B 87 -16.86 7.46 7.95
CA VAL B 87 -16.96 8.89 7.72
C VAL B 87 -15.75 9.34 6.91
N ASP B 88 -15.91 10.45 6.22
CA ASP B 88 -14.80 11.07 5.52
C ASP B 88 -15.11 12.54 5.32
N GLY B 89 -14.05 13.34 5.18
CA GLY B 89 -14.22 14.78 5.01
C GLY B 89 -13.24 15.58 5.84
N ASN B 90 -13.26 16.90 5.67
CA ASN B 90 -12.30 17.79 6.34
C ASN B 90 -12.88 18.31 7.66
N PHE B 91 -13.10 17.37 8.59
CA PHE B 91 -13.73 17.74 9.86
C PHE B 91 -12.77 18.56 10.71
N SER B 92 -13.32 19.52 11.45
CA SER B 92 -12.53 20.29 12.41
C SER B 92 -12.13 19.42 13.58
N ALA B 93 -11.12 19.89 14.34
CA ALA B 93 -10.65 19.14 15.48
C ALA B 93 -11.79 18.87 16.47
N GLY B 94 -12.67 19.86 16.65
CA GLY B 94 -13.76 19.69 17.59
C GLY B 94 -14.83 18.76 17.07
N GLN B 95 -15.07 18.76 15.76
CA GLN B 95 -16.00 17.79 15.17
C GLN B 95 -15.49 16.37 15.34
N LYS B 96 -14.17 16.17 15.27
CA LYS B 96 -13.59 14.85 15.54
C LYS B 96 -13.70 14.49 17.01
N LYS B 97 -13.54 15.47 17.91
CA LYS B 97 -13.82 15.19 19.31
C LYS B 97 -15.28 14.81 19.49
N ALA B 98 -16.18 15.45 18.74
CA ALA B 98 -17.59 15.13 18.83
C ALA B 98 -17.86 13.68 18.42
N LEU B 99 -17.32 13.28 17.26
CA LEU B 99 -17.44 11.89 16.84
C LEU B 99 -16.88 10.94 17.88
N ALA B 100 -15.73 11.29 18.48
CA ALA B 100 -15.16 10.44 19.52
C ALA B 100 -16.09 10.35 20.71
N LYS B 101 -16.69 11.48 21.09
CA LYS B 101 -17.64 11.50 22.19
C LYS B 101 -18.84 10.61 21.87
N LEU B 102 -19.25 10.59 20.60
CA LEU B 102 -20.30 9.66 20.17
C LEU B 102 -19.91 8.22 20.46
N GLU B 103 -18.67 7.85 20.14
CA GLU B 103 -18.22 6.48 20.41
C GLU B 103 -18.29 6.14 21.89
N LYS B 104 -18.05 7.12 22.78
CA LYS B 104 -18.06 6.84 24.21
C LYS B 104 -19.46 6.85 24.81
N GLN B 105 -20.44 7.45 24.13
CA GLN B 105 -21.79 7.39 24.67
C GLN B 105 -22.50 6.11 24.27
N TYR B 106 -22.20 5.57 23.10
CA TYR B 106 -22.84 4.36 22.59
C TYR B 106 -21.76 3.34 22.35
N GLU B 107 -21.70 2.33 23.22
CA GLU B 107 -20.59 1.39 23.20
C GLU B 107 -20.44 0.74 21.82
N ASN B 108 -21.56 0.37 21.19
CA ASN B 108 -21.50 -0.41 19.96
C ASN B 108 -21.26 0.42 18.72
N ILE B 109 -21.29 1.74 18.81
CA ILE B 109 -20.98 2.58 17.65
C ILE B 109 -19.46 2.72 17.52
N LYS B 110 -18.94 2.44 16.31
CA LYS B 110 -17.52 2.52 16.01
C LYS B 110 -17.30 3.44 14.82
N VAL B 111 -16.74 4.61 15.07
CA VAL B 111 -16.49 5.57 13.99
C VAL B 111 -15.19 5.20 13.29
N ILE B 112 -15.26 5.03 11.98
CA ILE B 112 -14.09 4.64 11.18
C ILE B 112 -13.83 5.72 10.17
N TYR B 113 -12.62 6.29 10.19
CA TYR B 113 -12.23 7.28 9.20
C TYR B 113 -11.75 6.57 7.94
N ASN B 114 -12.36 6.90 6.80
CA ASN B 114 -11.97 6.26 5.55
C ASN B 114 -10.48 6.42 5.28
N SER B 115 -9.90 7.55 5.67
CA SER B 115 -8.48 7.75 5.42
C SER B 115 -7.62 6.81 6.26
N ASP B 116 -8.18 6.20 7.31
CA ASP B 116 -7.47 5.25 8.15
C ASP B 116 -7.40 3.85 7.57
N LEU B 117 -8.06 3.60 6.45
CA LEU B 117 -8.08 2.29 5.81
C LEU B 117 -7.21 2.31 4.57
N ASP B 118 -6.59 1.17 4.29
CA ASP B 118 -5.70 1.01 3.15
C ASP B 118 -6.43 0.25 2.05
N TYR B 119 -6.67 0.92 0.93
CA TYR B 119 -7.43 0.32 -0.16
C TYR B 119 -6.57 -0.06 -1.35
N SER B 120 -5.24 0.01 -1.22
CA SER B 120 -4.37 -0.19 -2.38
C SER B 120 -4.42 -1.62 -2.89
N MET B 121 -4.84 -2.58 -2.06
CA MET B 121 -4.96 -3.95 -2.54
C MET B 121 -6.10 -4.13 -3.52
N TYR B 122 -6.95 -3.12 -3.69
CA TYR B 122 -8.04 -3.20 -4.64
C TYR B 122 -7.80 -2.30 -5.85
N ASP B 123 -6.63 -1.67 -5.92
CA ASP B 123 -6.39 -0.62 -6.89
C ASP B 123 -5.82 -1.17 -8.20
N LYS B 124 -5.88 -0.33 -9.22
CA LYS B 124 -5.30 -0.66 -10.52
C LYS B 124 -5.05 0.65 -11.25
N LYS B 125 -3.97 0.69 -12.02
CA LYS B 125 -3.63 1.87 -12.79
C LYS B 125 -4.54 2.01 -14.00
N LEU B 126 -5.02 3.25 -14.23
CA LEU B 126 -5.87 3.51 -15.38
C LEU B 126 -5.19 3.15 -16.69
N SER B 127 -3.90 3.45 -16.81
CA SER B 127 -3.20 3.17 -18.06
C SER B 127 -3.20 1.67 -18.37
N ASP B 128 -3.16 0.82 -17.33
CA ASP B 128 -3.25 -0.62 -17.56
C ASP B 128 -4.64 -1.02 -18.03
N ILE B 129 -5.69 -0.44 -17.44
CA ILE B 129 -7.05 -0.71 -17.89
C ILE B 129 -7.20 -0.36 -19.35
N TYR B 130 -6.85 0.88 -19.69
CA TYR B 130 -6.96 1.34 -21.08
C TYR B 130 -6.17 0.44 -22.02
N LEU B 131 -4.88 0.22 -21.72
CA LEU B 131 -4.05 -0.57 -22.62
C LEU B 131 -4.59 -1.98 -22.79
N GLU B 132 -5.18 -2.56 -21.74
CA GLU B 132 -5.76 -3.90 -21.86
C GLU B 132 -6.99 -3.90 -22.76
N ASN B 133 -7.80 -2.84 -22.68
CA ASN B 133 -9.00 -2.79 -23.52
C ASN B 133 -8.66 -2.51 -24.97
N ILE B 134 -7.67 -1.65 -25.22
CA ILE B 134 -7.21 -1.47 -26.59
C ILE B 134 -6.80 -2.81 -27.20
N ALA B 135 -6.07 -3.62 -26.42
CA ALA B 135 -5.67 -4.93 -26.90
C ALA B 135 -6.88 -5.83 -27.11
N LYS B 136 -7.86 -5.77 -26.20
CA LYS B 136 -9.04 -6.60 -26.33
C LYS B 136 -9.82 -6.27 -27.59
N ILE B 137 -10.05 -4.98 -27.83
CA ILE B 137 -10.89 -4.58 -28.96
C ILE B 137 -10.19 -4.85 -30.27
N GLU B 138 -8.89 -4.54 -30.35
CA GLU B 138 -8.17 -4.73 -31.60
C GLU B 138 -8.01 -6.21 -31.96
N ALA B 139 -8.12 -7.12 -31.00
CA ALA B 139 -8.12 -8.55 -31.27
C ALA B 139 -9.43 -9.02 -31.89
N GLN B 140 -10.48 -8.22 -31.79
CA GLN B 140 -11.81 -8.49 -32.34
C GLN B 140 -11.89 -8.13 -33.81
N PRO B 141 -12.68 -8.89 -34.59
CA PRO B 141 -12.82 -8.55 -36.01
C PRO B 141 -13.42 -7.17 -36.17
N ALA B 142 -13.13 -6.53 -37.31
CA ALA B 142 -13.52 -5.13 -37.50
C ALA B 142 -15.04 -4.94 -37.37
N ASN B 143 -15.82 -5.96 -37.73
CA ASN B 143 -17.27 -5.80 -37.78
C ASN B 143 -17.90 -5.72 -36.40
N VAL B 144 -17.21 -6.17 -35.36
CA VAL B 144 -17.78 -6.21 -34.02
C VAL B 144 -17.09 -5.25 -33.05
N ARG B 145 -15.99 -4.61 -33.43
CA ARG B 145 -15.29 -3.74 -32.49
C ARG B 145 -16.12 -2.50 -32.22
N ASP B 146 -16.10 -2.06 -30.96
CA ASP B 146 -16.73 -0.79 -30.59
C ASP B 146 -15.76 0.32 -30.98
N GLU B 147 -15.85 0.74 -32.25
CA GLU B 147 -14.87 1.68 -32.76
C GLU B 147 -14.93 3.02 -32.06
N TYR B 148 -16.12 3.47 -31.65
CA TYR B 148 -16.19 4.72 -30.90
C TYR B 148 -15.49 4.59 -29.56
N LEU B 149 -15.82 3.55 -28.79
CA LEU B 149 -15.20 3.35 -27.48
C LEU B 149 -13.68 3.24 -27.63
N LEU B 150 -13.21 2.46 -28.60
CA LEU B 150 -11.78 2.29 -28.81
C LEU B 150 -11.06 3.63 -28.97
N GLY B 151 -11.64 4.57 -29.71
CA GLY B 151 -11.02 5.88 -29.87
C GLY B 151 -11.05 6.69 -28.58
N GLU B 152 -12.14 6.58 -27.82
CA GLU B 152 -12.22 7.28 -26.54
C GLU B 152 -11.18 6.76 -25.54
N ILE B 153 -10.94 5.44 -25.54
CA ILE B 153 -9.96 4.86 -24.63
C ILE B 153 -8.57 5.40 -24.94
N LYS B 154 -8.21 5.40 -26.23
CA LYS B 154 -6.91 5.94 -26.62
C LYS B 154 -6.78 7.39 -26.20
N LYS B 155 -7.84 8.17 -26.36
CA LYS B 155 -7.82 9.55 -25.86
C LYS B 155 -7.61 9.58 -24.36
N SER B 156 -8.33 8.72 -23.62
CA SER B 156 -8.16 8.66 -22.18
C SER B 156 -6.73 8.26 -21.82
N LEU B 157 -6.21 7.22 -22.46
CA LEU B 157 -4.85 6.81 -22.19
C LEU B 157 -3.88 7.96 -22.47
N ASN B 158 -3.99 8.57 -23.64
CA ASN B 158 -3.12 9.70 -23.96
C ASN B 158 -3.21 10.78 -22.88
N GLU B 159 -4.43 11.06 -22.41
CA GLU B 159 -4.59 12.08 -21.39
C GLU B 159 -3.93 11.67 -20.07
N VAL B 160 -4.09 10.41 -19.67
CA VAL B 160 -3.46 9.94 -18.44
C VAL B 160 -1.95 10.10 -18.51
N LEU B 161 -1.33 9.57 -19.58
CA LEU B 161 0.13 9.58 -19.68
C LEU B 161 0.70 10.99 -19.75
N LYS B 162 -0.09 11.98 -20.17
CA LYS B 162 0.43 13.34 -20.26
C LYS B 162 0.36 14.08 -18.93
N ASN B 163 -0.60 13.74 -18.09
CA ASN B 163 -0.93 14.55 -16.92
C ASN B 163 -0.82 13.81 -15.60
N ASN B 164 -1.05 12.50 -15.58
CA ASN B 164 -0.99 11.77 -14.33
C ASN B 164 -0.76 10.29 -14.62
N PRO B 165 0.42 9.92 -15.12
CA PRO B 165 0.63 8.54 -15.60
C PRO B 165 0.34 7.48 -14.55
N GLU B 166 0.35 7.84 -13.26
CA GLU B 166 0.07 6.88 -12.19
C GLU B 166 -1.37 6.95 -11.70
N GLU B 167 -2.22 7.73 -12.37
CA GLU B 167 -3.63 7.73 -12.05
C GLU B 167 -4.12 6.30 -11.91
N SER B 168 -4.81 6.02 -10.80
CA SER B 168 -5.35 4.70 -10.55
C SER B 168 -6.84 4.82 -10.25
N LEU B 169 -7.49 3.66 -10.13
CA LEU B 169 -8.90 3.64 -9.78
C LEU B 169 -9.16 4.43 -8.51
N VAL B 170 -8.33 4.21 -7.49
CA VAL B 170 -8.51 4.90 -6.21
C VAL B 170 -8.28 6.40 -6.37
N SER B 171 -7.11 6.79 -6.88
CA SER B 171 -6.80 8.21 -6.99
C SER B 171 -7.79 8.89 -7.91
N SER B 172 -8.23 8.21 -8.96
CA SER B 172 -9.20 8.81 -9.87
C SER B 172 -10.54 9.07 -9.17
N HIS B 173 -11.02 8.10 -8.38
CA HIS B 173 -12.27 8.30 -7.66
C HIS B 173 -12.10 9.27 -6.50
N ASP B 174 -10.90 9.31 -5.90
CA ASP B 174 -10.60 10.31 -4.89
C ASP B 174 -10.90 11.71 -5.40
N LYS B 175 -10.70 11.95 -6.70
CA LYS B 175 -10.87 13.28 -7.26
C LYS B 175 -12.33 13.67 -7.43
N ARG B 176 -13.22 12.73 -7.74
CA ARG B 176 -14.60 13.09 -8.13
C ARG B 176 -15.53 13.00 -6.92
N LEU B 177 -15.51 14.07 -6.12
CA LEU B 177 -16.39 14.17 -4.95
C LEU B 177 -17.85 14.01 -5.35
N GLY B 178 -18.63 13.44 -4.45
CA GLY B 178 -20.02 13.15 -4.71
C GLY B 178 -20.28 11.66 -4.64
N HIS B 179 -21.50 11.28 -5.05
CA HIS B 179 -21.92 9.89 -4.86
C HIS B 179 -20.97 8.93 -5.54
N VAL B 180 -20.41 9.32 -6.68
CA VAL B 180 -19.49 8.42 -7.38
C VAL B 180 -18.36 8.02 -6.44
N ARG B 181 -17.90 8.95 -5.60
CA ARG B 181 -16.80 8.65 -4.69
C ARG B 181 -17.24 7.82 -3.49
N PHE B 182 -18.33 8.21 -2.81
CA PHE B 182 -18.69 7.44 -1.64
C PHE B 182 -19.31 6.09 -2.01
N ASP B 183 -19.93 5.98 -3.18
CA ASP B 183 -20.32 4.67 -3.69
C ASP B 183 -19.10 3.78 -3.86
N PHE B 184 -18.02 4.36 -4.37
CA PHE B 184 -16.81 3.62 -4.66
C PHE B 184 -16.21 3.02 -3.39
N TYR B 185 -15.99 3.84 -2.37
CA TYR B 185 -15.41 3.36 -1.13
C TYR B 185 -16.37 2.46 -0.35
N ARG B 186 -17.68 2.58 -0.57
CA ARG B 186 -18.63 1.68 0.08
C ARG B 186 -18.38 0.24 -0.33
N ASN B 187 -18.21 0.00 -1.63
CA ASN B 187 -17.93 -1.34 -2.11
C ASN B 187 -16.61 -1.86 -1.56
N LEU B 188 -15.58 -1.01 -1.53
CA LEU B 188 -14.29 -1.49 -1.06
C LEU B 188 -14.33 -1.78 0.44
N PHE B 189 -15.05 -0.97 1.20
CA PHE B 189 -15.20 -1.25 2.63
C PHE B 189 -15.91 -2.58 2.84
N LEU B 190 -16.96 -2.85 2.06
CA LEU B 190 -17.67 -4.10 2.21
C LEU B 190 -16.79 -5.29 1.82
N LEU B 191 -15.86 -5.08 0.88
CA LEU B 191 -14.90 -6.13 0.56
C LEU B 191 -14.02 -6.45 1.76
N LYS B 192 -13.70 -5.44 2.58
CA LYS B 192 -12.99 -5.69 3.82
C LYS B 192 -13.93 -6.35 4.84
N GLY B 193 -15.21 -6.04 4.77
CA GLY B 193 -16.12 -6.71 5.65
C GLY B 193 -15.82 -6.37 7.10
N SER B 194 -16.04 -7.36 7.96
CA SER B 194 -15.68 -7.21 9.37
C SER B 194 -14.21 -6.84 9.53
N ASN B 195 -13.36 -7.23 8.59
CA ASN B 195 -11.93 -6.93 8.71
C ASN B 195 -11.68 -5.43 8.86
N ALA B 196 -12.58 -4.58 8.35
CA ALA B 196 -12.31 -3.14 8.38
C ALA B 196 -12.33 -2.60 9.81
N PHE B 197 -13.23 -3.12 10.66
CA PHE B 197 -13.26 -2.71 12.06
C PHE B 197 -11.98 -3.11 12.77
N LEU B 198 -11.45 -4.30 12.45
CA LEU B 198 -10.18 -4.72 13.00
C LEU B 198 -9.02 -3.93 12.40
N GLU B 199 -9.03 -3.71 11.09
CA GLU B 199 -7.99 -2.90 10.48
C GLU B 199 -7.92 -1.52 11.15
N ALA B 200 -9.07 -0.91 11.39
CA ALA B 200 -9.15 0.42 11.98
C ALA B 200 -8.87 0.43 13.46
N GLY B 201 -8.69 -0.74 14.08
CA GLY B 201 -8.33 -0.79 15.49
C GLY B 201 -9.46 -0.55 16.46
N LYS B 202 -10.71 -0.85 16.09
CA LYS B 202 -11.84 -0.66 17.00
C LYS B 202 -11.87 -1.82 17.99
N HIS B 203 -11.66 -1.51 19.25
CA HIS B 203 -11.63 -2.54 20.28
C HIS B 203 -13.02 -2.86 20.78
N GLY B 204 -13.20 -4.09 21.23
CA GLY B 204 -14.43 -4.50 21.88
C GLY B 204 -15.59 -4.85 20.98
N CYS B 205 -15.33 -5.25 19.73
CA CYS B 205 -16.40 -5.64 18.83
C CYS B 205 -16.84 -7.07 19.11
N HIS B 206 -18.03 -7.23 19.70
CA HIS B 206 -18.49 -8.53 20.16
C HIS B 206 -18.71 -9.49 18.99
N HIS B 207 -18.06 -10.64 19.06
CA HIS B 207 -18.23 -11.73 18.10
C HIS B 207 -17.80 -11.34 16.71
N LEU B 208 -17.14 -10.21 16.56
CA LEU B 208 -16.67 -9.80 15.25
C LEU B 208 -15.45 -10.64 14.89
N GLN B 209 -15.50 -11.27 13.72
CA GLN B 209 -14.50 -12.24 13.34
C GLN B 209 -13.79 -11.82 12.06
N PRO B 210 -12.48 -12.07 11.95
CA PRO B 210 -11.80 -11.82 10.68
C PRO B 210 -12.47 -12.61 9.58
N GLY B 211 -12.56 -12.01 8.40
CA GLY B 211 -13.31 -12.62 7.34
C GLY B 211 -14.83 -12.54 7.49
N GLY B 212 -15.32 -11.99 8.60
CA GLY B 212 -16.75 -11.83 8.76
C GLY B 212 -17.32 -10.79 7.81
N GLY B 213 -18.65 -10.76 7.76
CA GLY B 213 -19.37 -9.90 6.84
C GLY B 213 -19.82 -8.60 7.46
N CYS B 214 -20.84 -8.02 6.84
CA CYS B 214 -21.26 -6.66 7.13
C CYS B 214 -22.55 -6.40 6.39
N ILE B 215 -23.41 -5.57 6.97
CA ILE B 215 -24.70 -5.18 6.39
C ILE B 215 -24.67 -3.66 6.23
N TYR B 216 -24.49 -3.17 5.00
CA TYR B 216 -24.51 -1.73 4.79
C TYR B 216 -25.95 -1.24 4.67
N LEU B 217 -26.23 -0.09 5.27
CA LEU B 217 -27.56 0.51 5.22
C LEU B 217 -27.42 2.01 5.00
N ASP B 218 -28.25 2.53 4.12
CA ASP B 218 -28.35 3.97 3.98
C ASP B 218 -28.91 4.54 5.28
N ALA B 219 -28.44 5.73 5.64
CA ALA B 219 -28.83 6.29 6.93
C ALA B 219 -30.33 6.53 7.04
N ASP B 220 -31.03 6.56 5.90
CA ASP B 220 -32.48 6.71 5.90
C ASP B 220 -33.22 5.35 5.90
N MET B 221 -32.50 4.26 6.06
CA MET B 221 -33.11 2.94 6.24
C MET B 221 -33.40 2.81 7.72
N LEU B 222 -34.65 3.09 8.11
CA LEU B 222 -34.98 3.16 9.52
C LEU B 222 -35.19 1.76 10.07
N LEU B 223 -34.46 1.45 11.13
CA LEU B 223 -34.72 0.24 11.89
C LEU B 223 -35.92 0.49 12.80
N THR B 224 -36.80 -0.50 12.88
CA THR B 224 -37.90 -0.50 13.84
C THR B 224 -37.86 -1.72 14.74
N GLY B 225 -36.88 -2.59 14.57
CA GLY B 225 -36.76 -3.77 15.40
C GLY B 225 -35.44 -4.46 15.12
N LYS B 226 -35.14 -5.45 15.95
CA LYS B 226 -33.92 -6.21 15.72
C LYS B 226 -34.02 -6.88 14.36
N LEU B 227 -32.87 -7.04 13.71
CA LEU B 227 -32.86 -7.75 12.44
C LEU B 227 -32.71 -9.24 12.61
N GLY B 228 -32.20 -9.70 13.76
CA GLY B 228 -31.98 -11.11 13.95
C GLY B 228 -31.00 -11.65 12.92
N THR B 229 -31.16 -12.93 12.61
CA THR B 229 -30.26 -13.62 11.71
C THR B 229 -30.88 -13.61 10.32
N LEU B 230 -30.10 -13.25 9.31
CA LEU B 230 -30.56 -13.20 7.94
C LEU B 230 -30.12 -14.46 7.20
N TYR B 231 -30.89 -14.82 6.17
CA TYR B 231 -30.60 -16.01 5.35
C TYR B 231 -30.67 -15.57 3.90
N LEU B 232 -29.51 -15.40 3.25
CA LEU B 232 -29.44 -14.78 1.95
C LEU B 232 -28.77 -15.71 0.94
N PRO B 233 -29.15 -15.64 -0.34
CA PRO B 233 -28.58 -16.54 -1.35
C PRO B 233 -27.07 -16.36 -1.47
N ASP B 234 -26.33 -17.42 -1.12
CA ASP B 234 -24.87 -17.35 -1.04
C ASP B 234 -24.41 -16.22 -0.13
N GLY B 235 -25.25 -15.86 0.84
CA GLY B 235 -24.86 -14.85 1.82
C GLY B 235 -24.75 -13.43 1.31
N ILE B 236 -25.52 -13.07 0.29
CA ILE B 236 -25.55 -11.70 -0.19
C ILE B 236 -26.97 -11.34 -0.59
N ALA B 237 -27.33 -10.07 -0.36
CA ALA B 237 -28.57 -9.50 -0.83
C ALA B 237 -28.38 -7.99 -0.88
N VAL B 238 -29.15 -7.33 -1.75
CA VAL B 238 -29.06 -5.89 -1.94
C VAL B 238 -30.46 -5.32 -1.94
N HIS B 239 -30.54 -4.00 -1.76
CA HIS B 239 -31.80 -3.30 -1.85
C HIS B 239 -32.35 -3.39 -3.27
N VAL B 240 -33.66 -3.54 -3.38
CA VAL B 240 -34.39 -3.46 -4.64
C VAL B 240 -35.44 -2.39 -4.46
N SER B 241 -35.32 -1.30 -5.20
CA SER B 241 -36.24 -0.20 -5.09
C SER B 241 -37.35 -0.35 -6.12
N ARG B 242 -38.54 0.12 -5.76
CA ARG B 242 -39.68 0.11 -6.66
C ARG B 242 -40.21 1.53 -6.74
N LYS B 243 -40.24 2.07 -7.94
CA LYS B 243 -40.80 3.40 -8.22
C LYS B 243 -41.76 3.25 -9.38
N GLY B 244 -42.91 3.90 -9.28
CA GLY B 244 -43.96 3.60 -10.25
C GLY B 244 -44.12 2.10 -10.33
N ASN B 245 -44.04 1.57 -11.56
CA ASN B 245 -44.15 0.14 -11.77
C ASN B 245 -42.79 -0.52 -12.01
N SER B 246 -41.70 0.19 -11.76
CA SER B 246 -40.37 -0.30 -12.08
C SER B 246 -39.65 -0.78 -10.84
N MET B 247 -38.66 -1.65 -11.06
CA MET B 247 -37.76 -2.05 -9.99
C MET B 247 -36.34 -1.99 -10.51
N SER B 248 -35.41 -1.64 -9.60
CA SER B 248 -33.99 -1.62 -9.90
C SER B 248 -33.21 -2.19 -8.73
N LEU B 249 -32.16 -2.93 -9.05
CA LEU B 249 -31.11 -3.19 -8.07
C LEU B 249 -30.55 -1.86 -7.59
N GLU B 250 -30.34 -1.76 -6.28
CA GLU B 250 -29.86 -0.53 -5.67
C GLU B 250 -28.74 -0.88 -4.71
N ASN B 251 -27.92 0.12 -4.37
CA ASN B 251 -26.84 -0.09 -3.41
C ASN B 251 -27.12 0.56 -2.07
N GLY B 252 -28.35 1.03 -1.83
CA GLY B 252 -28.75 1.54 -0.52
C GLY B 252 -28.76 0.49 0.59
N ILE B 253 -28.85 -0.78 0.25
CA ILE B 253 -28.61 -1.86 1.21
C ILE B 253 -27.73 -2.87 0.52
N ILE B 254 -26.64 -3.26 1.19
CA ILE B 254 -25.76 -4.33 0.71
C ILE B 254 -25.36 -5.16 1.92
N ALA B 255 -25.78 -6.41 1.95
CA ALA B 255 -25.47 -7.34 3.03
C ALA B 255 -24.65 -8.49 2.48
N VAL B 256 -23.51 -8.76 3.11
CA VAL B 256 -22.65 -9.90 2.79
C VAL B 256 -22.31 -10.65 4.07
N ASN B 257 -22.22 -11.97 3.97
CA ASN B 257 -21.91 -12.80 5.12
C ASN B 257 -20.42 -13.00 5.34
N ARG B 258 -19.57 -12.46 4.47
CA ARG B 258 -18.14 -12.71 4.57
C ARG B 258 -17.39 -11.58 3.87
N SER B 259 -16.12 -11.43 4.25
CA SER B 259 -15.27 -10.48 3.56
C SER B 259 -14.92 -11.00 2.17
N GLU B 260 -14.49 -10.09 1.30
CA GLU B 260 -14.09 -10.44 -0.05
C GLU B 260 -15.19 -11.24 -0.74
N HIS B 261 -16.44 -10.87 -0.49
CA HIS B 261 -17.52 -11.66 -1.07
C HIS B 261 -17.32 -11.75 -2.58
N PRO B 262 -17.29 -12.95 -3.15
CA PRO B 262 -16.95 -13.08 -4.58
C PRO B 262 -17.85 -12.27 -5.50
N ALA B 263 -19.10 -11.99 -5.10
CA ALA B 263 -19.96 -11.14 -5.91
C ALA B 263 -19.47 -9.69 -5.92
N LEU B 264 -19.02 -9.20 -4.77
CA LEU B 264 -18.42 -7.87 -4.76
C LEU B 264 -17.06 -7.87 -5.45
N LYS B 265 -16.31 -8.98 -5.36
CA LYS B 265 -15.06 -9.08 -6.11
C LYS B 265 -15.32 -9.08 -7.60
N LYS B 266 -16.37 -9.77 -8.06
CA LYS B 266 -16.72 -9.72 -9.47
C LYS B 266 -17.04 -8.29 -9.89
N GLY B 267 -17.72 -7.54 -9.05
CA GLY B 267 -17.93 -6.14 -9.34
C GLY B 267 -16.61 -5.38 -9.44
N LEU B 268 -15.68 -5.70 -8.54
CA LEU B 268 -14.36 -5.09 -8.61
C LEU B 268 -13.64 -5.48 -9.90
N GLU B 269 -13.70 -6.76 -10.26
CA GLU B 269 -13.08 -7.19 -11.52
C GLU B 269 -13.62 -6.40 -12.69
N ILE B 270 -14.94 -6.17 -12.74
CA ILE B 270 -15.48 -5.37 -13.83
C ILE B 270 -14.86 -3.98 -13.79
N MET B 271 -14.75 -3.39 -12.60
CA MET B 271 -14.08 -2.11 -12.45
C MET B 271 -12.65 -2.16 -12.99
N HIS B 272 -11.99 -3.32 -12.90
CA HIS B 272 -10.63 -3.45 -13.39
C HIS B 272 -10.54 -3.69 -14.89
N SER B 273 -11.63 -4.11 -15.53
CA SER B 273 -11.61 -4.40 -16.96
C SER B 273 -12.36 -3.41 -17.83
N LYS B 274 -13.39 -2.73 -17.28
CA LYS B 274 -14.13 -1.73 -18.04
C LYS B 274 -13.38 -0.40 -18.01
N PRO B 275 -13.15 0.25 -19.15
CA PRO B 275 -12.40 1.52 -19.13
C PRO B 275 -13.08 2.60 -18.31
N TYR B 276 -14.40 2.66 -18.29
CA TYR B 276 -15.07 3.72 -17.55
C TYR B 276 -16.04 3.13 -16.53
N GLY B 277 -15.57 2.14 -15.76
CA GLY B 277 -16.39 1.47 -14.77
C GLY B 277 -17.03 2.36 -13.71
N ASP B 278 -18.33 2.19 -13.51
CA ASP B 278 -19.08 2.91 -12.49
C ASP B 278 -19.16 2.06 -11.22
N PRO B 279 -18.83 2.60 -10.05
CA PRO B 279 -18.95 1.80 -8.82
C PRO B 279 -20.35 1.23 -8.57
N TYR B 280 -21.40 1.96 -8.95
CA TYR B 280 -22.75 1.45 -8.73
C TYR B 280 -23.20 0.54 -9.88
N ILE B 281 -23.21 1.08 -11.10
CA ILE B 281 -23.74 0.33 -12.23
C ILE B 281 -22.92 -0.94 -12.46
N ASP B 282 -21.59 -0.84 -12.34
CA ASP B 282 -20.70 -1.97 -12.57
C ASP B 282 -20.27 -2.65 -11.27
N GLY B 283 -19.83 -1.87 -10.28
CA GLY B 283 -19.33 -2.48 -9.05
C GLY B 283 -20.40 -3.20 -8.25
N VAL B 284 -21.67 -2.82 -8.43
CA VAL B 284 -22.72 -3.49 -7.70
C VAL B 284 -23.63 -4.24 -8.66
N CYS B 285 -24.38 -3.51 -9.50
CA CYS B 285 -25.34 -4.17 -10.39
C CYS B 285 -24.64 -5.15 -11.32
N GLY B 286 -23.56 -4.70 -11.95
CA GLY B 286 -22.87 -5.57 -12.90
C GLY B 286 -22.26 -6.78 -12.24
N GLY B 287 -21.62 -6.59 -11.10
CA GLY B 287 -21.03 -7.72 -10.39
C GLY B 287 -22.07 -8.77 -10.01
N LEU B 288 -23.21 -8.31 -9.50
CA LEU B 288 -24.29 -9.24 -9.15
C LEU B 288 -24.75 -10.01 -10.38
N ARG B 289 -24.98 -9.30 -11.49
CA ARG B 289 -25.54 -9.96 -12.66
C ARG B 289 -24.57 -11.00 -13.23
N HIS B 290 -23.28 -10.67 -13.29
CA HIS B 290 -22.31 -11.67 -13.72
C HIS B 290 -22.22 -12.83 -12.74
N TYR B 291 -22.16 -12.51 -11.44
CA TYR B 291 -22.01 -13.54 -10.42
C TYR B 291 -23.14 -14.57 -10.51
N PHE B 292 -24.38 -14.12 -10.66
CA PHE B 292 -25.55 -14.99 -10.69
C PHE B 292 -26.04 -15.29 -12.10
N ASN B 293 -25.35 -14.81 -13.13
CA ASN B 293 -25.75 -15.06 -14.52
C ASN B 293 -27.17 -14.56 -14.79
N CYS B 294 -27.44 -13.33 -14.36
CA CYS B 294 -28.67 -12.64 -14.77
C CYS B 294 -28.31 -11.84 -16.01
N SER B 295 -28.39 -12.49 -17.16
CA SER B 295 -28.05 -11.83 -18.41
C SER B 295 -29.20 -10.94 -18.87
N ILE B 296 -28.89 -10.04 -19.81
CA ILE B 296 -29.93 -9.22 -20.41
C ILE B 296 -31.01 -10.09 -21.06
N ARG B 297 -30.65 -11.33 -21.44
CA ARG B 297 -31.65 -12.28 -21.92
C ARG B 297 -32.49 -12.85 -20.77
N HIS B 298 -31.92 -12.95 -19.57
CA HIS B 298 -32.68 -13.45 -18.42
C HIS B 298 -33.71 -12.41 -17.98
N ASN B 299 -34.53 -12.80 -17.02
CA ASN B 299 -35.54 -11.91 -16.48
C ASN B 299 -34.93 -11.14 -15.32
N TYR B 300 -34.88 -9.81 -15.48
CA TYR B 300 -34.38 -8.92 -14.44
C TYR B 300 -35.30 -8.90 -13.24
N GLU B 301 -36.61 -8.86 -13.49
CA GLU B 301 -37.57 -8.89 -12.39
C GLU B 301 -37.41 -10.13 -11.54
N GLU B 302 -37.14 -11.28 -12.17
CA GLU B 302 -36.94 -12.50 -11.40
C GLU B 302 -35.66 -12.43 -10.59
N PHE B 303 -34.59 -11.83 -11.14
CA PHE B 303 -33.37 -11.69 -10.36
C PHE B 303 -33.60 -10.77 -9.17
N CYS B 304 -34.27 -9.63 -9.39
CA CYS B 304 -34.55 -8.71 -8.29
C CYS B 304 -35.22 -9.43 -7.12
N ASN B 305 -36.31 -10.16 -7.40
CA ASN B 305 -37.01 -10.88 -6.35
C ASN B 305 -36.09 -11.89 -5.66
N PHE B 306 -35.26 -12.58 -6.44
CA PHE B 306 -34.30 -13.53 -5.88
C PHE B 306 -33.31 -12.85 -4.95
N ILE B 307 -32.78 -11.70 -5.37
CA ILE B 307 -31.65 -11.09 -4.67
C ILE B 307 -32.09 -10.02 -3.69
N GLU B 308 -33.38 -9.70 -3.62
CA GLU B 308 -33.84 -8.59 -2.82
C GLU B 308 -33.54 -8.79 -1.34
N PHE B 309 -33.08 -7.72 -0.69
CA PHE B 309 -32.94 -7.70 0.76
C PHE B 309 -34.29 -7.34 1.38
N LYS B 310 -34.87 -8.26 2.13
CA LYS B 310 -36.20 -8.10 2.69
C LYS B 310 -36.13 -8.16 4.20
N HIS B 311 -36.69 -7.16 4.88
CA HIS B 311 -36.87 -7.26 6.31
C HIS B 311 -37.99 -6.34 6.76
N GLU B 312 -38.94 -6.91 7.51
CA GLU B 312 -40.10 -6.19 8.00
C GLU B 312 -39.76 -5.09 8.99
N HIS B 313 -38.57 -5.13 9.61
CA HIS B 313 -38.20 -4.14 10.60
C HIS B 313 -37.33 -3.01 10.05
N ILE B 314 -37.26 -2.86 8.72
CA ILE B 314 -36.60 -1.74 8.08
C ILE B 314 -37.65 -0.96 7.30
N PHE B 315 -37.81 0.32 7.61
CA PHE B 315 -38.65 1.21 6.83
C PHE B 315 -37.72 1.91 5.82
N MET B 316 -37.83 1.51 4.56
CA MET B 316 -36.76 1.72 3.59
C MET B 316 -36.85 3.04 2.83
N ASP B 317 -35.67 3.52 2.43
CA ASP B 317 -35.47 4.68 1.56
C ASP B 317 -36.42 5.81 1.95
N THR B 318 -36.38 6.20 3.22
CA THR B 318 -37.22 7.28 3.71
C THR B 318 -36.83 8.65 3.16
N SER B 319 -35.65 8.77 2.53
CA SER B 319 -35.34 10.05 1.88
C SER B 319 -36.30 10.32 0.72
N SER B 320 -36.82 9.26 0.09
CA SER B 320 -37.81 9.46 -0.97
C SER B 320 -39.09 10.10 -0.44
N LEU B 321 -39.33 10.05 0.88
CA LEU B 321 -40.47 10.76 1.45
C LEU B 321 -40.20 12.25 1.63
N THR B 322 -38.94 12.65 1.75
CA THR B 322 -38.60 14.05 1.94
C THR B 322 -37.76 14.58 0.79
N ILE B 323 -36.44 14.45 0.89
CA ILE B 323 -35.54 14.86 -0.19
C ILE B 323 -34.25 14.05 -0.04
N SER B 324 -33.63 13.72 -1.18
CA SER B 324 -32.33 13.08 -1.12
C SER B 324 -31.33 14.01 -0.42
N SER B 325 -30.33 13.40 0.22
CA SER B 325 -29.30 14.19 0.89
C SER B 325 -28.23 14.73 -0.06
N TRP B 326 -28.18 14.26 -1.31
CA TRP B 326 -27.10 14.68 -2.22
C TRP B 326 -27.53 15.05 -3.63
N ARG B 327 -28.76 14.74 -4.05
CA ARG B 327 -29.19 15.04 -5.42
C ARG B 327 -29.62 16.51 -5.59
I IOD C . 16.70 4.86 12.19
I IOD D . 8.49 27.91 3.05
MN MN E . 32.16 4.93 7.59
N1 UDP F . 23.69 6.63 9.10
C2 UDP F . 22.43 7.18 9.25
N3 UDP F . 22.15 7.66 10.50
C4 UDP F . 23.00 7.65 11.60
C5 UDP F . 24.29 7.08 11.35
C6 UDP F . 24.58 6.59 10.13
O2 UDP F . 21.61 7.24 8.35
O4 UDP F . 22.61 8.14 12.67
C1' UDP F . 24.04 6.11 7.76
C2' UDP F . 24.53 7.21 6.80
O2' UDP F . 24.05 6.94 5.49
C3' UDP F . 26.04 7.04 6.86
C4' UDP F . 26.17 5.53 6.99
O4' UDP F . 25.09 5.17 7.89
O3' UDP F . 26.65 7.51 5.67
C5' UDP F . 27.48 5.03 7.54
O5' UDP F . 27.95 5.96 8.56
PA UDP F . 29.40 5.83 9.18
O1A UDP F . 30.36 5.80 8.04
O2A UDP F . 29.63 6.89 10.26
O3A UDP F . 29.39 4.42 9.94
PB UDP F . 30.40 3.21 9.70
O1B UDP F . 31.26 3.43 8.53
O2B UDP F . 29.46 2.00 9.56
O3B UDP F . 31.14 3.13 11.03
C1 NDG G . 29.16 -0.78 7.27
C2 NDG G . 28.79 0.27 6.19
C3 NDG G . 27.59 1.13 6.65
C4 NDG G . 26.46 0.22 7.15
C5 NDG G . 27.00 -0.62 8.32
C6 NDG G . 25.95 -1.53 8.97
C7 NDG G . 30.91 0.65 4.93
C8 NDG G . 32.12 1.57 4.73
O5 NDG G . 28.01 -1.49 7.78
O3 NDG G . 27.11 1.94 5.57
O4 NDG G . 25.33 1.01 7.53
O6 NDG G . 25.58 -2.63 8.12
O7 NDG G . 30.82 -0.40 4.28
N2 NDG G . 29.98 1.05 5.86
O1 NDG G . 29.85 -0.14 8.31
H1 NDG G . 29.76 -1.57 6.82
H2 NDG G . 28.48 -0.32 5.31
H3 NDG G . 27.91 1.77 7.48
H4 NDG G . 26.18 -0.47 6.34
H5 NDG G . 27.44 0.06 9.07
H61 NDG G . 26.37 -1.97 9.88
H62 NDG G . 25.07 -0.93 9.26
H81 NDG G . 31.81 2.61 4.58
H82 NDG G . 32.69 1.27 3.84
H83 NDG G . 32.76 1.50 5.61
HO3 NDG G . 26.51 2.57 5.97
HO4 NDG G . 24.71 0.95 6.79
HO6 NDG G . 25.87 -3.44 8.54
HN2 NDG G . 30.12 1.90 6.37
HO1 NDG G . 30.56 -0.73 8.60
I IOD H . -17.18 12.63 -1.11
I IOD I . -13.66 2.02 19.78
MN MN J . -32.43 7.40 0.31
N1 UDP K . -24.26 10.28 1.50
C2 UDP K . -23.09 10.72 2.06
N3 UDP K . -22.87 12.08 2.00
C4 UDP K . -23.71 13.02 1.44
C5 UDP K . -24.91 12.49 0.88
C6 UDP K . -25.15 11.17 0.93
O2 UDP K . -22.28 9.97 2.58
O4 UDP K . -23.37 14.21 1.45
C1' UDP K . -24.53 8.84 1.55
C2' UDP K . -25.05 8.34 2.91
O2' UDP K . -24.45 7.09 3.19
C3' UDP K . -26.54 8.16 2.64
C4' UDP K . -26.52 7.68 1.19
O4' UDP K . -25.52 8.53 0.58
O3' UDP K . -27.15 7.21 3.51
C5' UDP K . -27.81 7.80 0.44
O5' UDP K . -28.29 9.15 0.57
PA UDP K . -29.83 9.49 0.49
O1A UDP K . -30.16 10.80 1.23
O2A UDP K . -30.56 8.29 0.92
O3A UDP K . -30.09 9.79 -1.07
PB UDP K . -30.83 8.90 -2.16
O1B UDP K . -29.68 8.24 -2.92
O2B UDP K . -31.57 7.86 -1.36
O3B UDP K . -31.71 9.73 -3.04
C1 NDG L . -29.15 5.15 -4.62
C2 NDG L . -28.77 4.60 -3.21
C3 NDG L . -27.64 5.42 -2.55
C4 NDG L . -26.52 5.72 -3.56
C5 NDG L . -27.10 6.36 -4.83
C6 NDG L . -26.03 6.71 -5.88
C7 NDG L . -30.83 3.49 -2.40
C8 NDG L . -32.09 3.61 -1.56
O5 NDG L . -27.99 5.41 -5.42
O3 NDG L . -27.12 4.67 -1.45
O4 NDG L . -25.58 6.58 -2.93
O6 NDG L . -25.66 5.61 -6.72
O7 NDG L . -30.60 2.46 -3.05
N2 NDG L . -29.98 4.57 -2.41
O1 NDG L . -29.94 6.30 -4.46
H1 NDG L . -29.68 4.38 -5.17
H2 NDG L . -28.41 3.58 -3.38
H3 NDG L . -28.04 6.37 -2.20
H4 NDG L . -26.04 4.77 -3.84
H5 NDG L . -27.65 7.26 -4.53
H61 NDG L . -25.13 7.03 -5.38
H62 NDG L . -26.39 7.56 -6.49
H81 NDG L . -31.87 3.97 -0.54
H82 NDG L . -32.59 2.63 -1.46
H83 NDG L . -32.77 4.31 -2.04
HO3 NDG L . -26.61 5.30 -0.93
HO4 NDG L . -24.81 6.03 -2.72
HO6 NDG L . -25.64 5.91 -7.63
HN2 NDG L . -30.21 5.40 -1.88
HO1 NDG L . -30.83 6.08 -4.78
#